data_6JYY
#
_entry.id   6JYY
#
_cell.length_a   51.356
_cell.length_b   110.091
_cell.length_c   125.448
_cell.angle_alpha   90.00
_cell.angle_beta   90.00
_cell.angle_gamma   90.00
#
_symmetry.space_group_name_H-M   'P 21 21 21'
#
loop_
_entity.id
_entity.type
_entity.pdbx_description
1 polymer 'Hydroxyethylthiazole kinase'
2 water water
#
_entity_poly.entity_id   1
_entity_poly.type   'polypeptide(L)'
_entity_poly.pdbx_seq_one_letter_code
;MPELLNPAPVAHLRHLLRAHSPLVHCMTNDVVQTFTANVLLAVGASPAMVIDPREAAQFAAIADALLINVGTLTEDRAVA
MRAAVEHARQAGKPWTLDPVAVGALTVRTAFCHELLALQPAAIRGNASEILALAGMSAGGRGVDTTDTAAAALPAAQALA
RRLATVVAVTGEVDYVTDGERVLSVAGGNPLMTRVVGTGCALSAVVAASAALPGDRLENVAAACGLMKQAGEIAARQGGP
GSFIPAFLDALYQEVQG
;
_entity_poly.pdbx_strand_id   C,B,A
#
# COMPACT_ATOMS: atom_id res chain seq x y z
N ALA A 8 9.48 -31.50 5.13
CA ALA A 8 8.57 -32.64 5.34
C ALA A 8 7.19 -32.48 4.67
N PRO A 9 7.18 -32.15 3.37
CA PRO A 9 8.20 -31.37 2.66
C PRO A 9 8.10 -29.89 3.04
N VAL A 10 7.32 -29.54 4.05
CA VAL A 10 7.14 -28.16 4.46
C VAL A 10 8.39 -27.64 5.12
N ALA A 11 8.92 -28.39 6.10
CA ALA A 11 10.17 -28.00 6.74
C ALA A 11 11.29 -27.99 5.71
N HIS A 12 11.21 -28.91 4.75
CA HIS A 12 12.23 -28.98 3.69
C HIS A 12 12.19 -27.71 2.81
N LEU A 13 10.97 -27.28 2.46
CA LEU A 13 10.79 -26.06 1.68
C LEU A 13 11.28 -24.84 2.46
N ARG A 14 10.95 -24.77 3.76
CA ARG A 14 11.43 -23.69 4.64
C ARG A 14 12.93 -23.57 4.48
N HIS A 15 13.61 -24.71 4.56
CA HIS A 15 15.06 -24.70 4.43
C HIS A 15 15.57 -24.30 3.03
N LEU A 16 14.97 -24.84 1.96
CA LEU A 16 15.38 -24.40 0.62
C LEU A 16 15.24 -22.87 0.42
N LEU A 17 14.11 -22.32 0.84
CA LEU A 17 13.89 -20.88 0.70
C LEU A 17 14.97 -20.11 1.42
N ARG A 18 15.22 -20.46 2.67
CA ARG A 18 16.28 -19.73 3.37
C ARG A 18 17.66 -19.95 2.73
N ALA A 19 17.91 -21.14 2.23
CA ALA A 19 19.24 -21.45 1.72
C ALA A 19 19.51 -20.84 0.33
N HIS A 20 18.54 -20.91 -0.57
CA HIS A 20 18.74 -20.36 -1.91
C HIS A 20 18.37 -18.87 -2.04
N SER A 21 17.56 -18.36 -1.12
CA SER A 21 17.13 -16.95 -1.08
C SER A 21 16.73 -16.40 -2.45
N PRO A 22 15.73 -17.02 -3.09
CA PRO A 22 15.43 -16.63 -4.48
C PRO A 22 15.03 -15.16 -4.65
N LEU A 23 15.53 -14.49 -5.70
CA LEU A 23 15.13 -13.13 -6.04
C LEU A 23 13.86 -13.15 -6.95
N VAL A 24 12.77 -12.60 -6.44
CA VAL A 24 11.46 -12.72 -7.05
C VAL A 24 10.95 -11.39 -7.52
N HIS A 25 10.76 -11.31 -8.84
CA HIS A 25 10.24 -10.11 -9.50
C HIS A 25 8.76 -10.17 -9.32
N CYS A 26 8.23 -9.27 -8.48
CA CYS A 26 6.80 -9.22 -8.20
C CYS A 26 6.10 -8.14 -8.97
N MET A 27 5.26 -8.55 -9.91
CA MET A 27 4.33 -7.61 -10.56
C MET A 27 2.93 -7.97 -10.10
N THR A 28 2.55 -7.44 -8.94
CA THR A 28 1.32 -7.80 -8.29
C THR A 28 0.52 -6.56 -8.03
N ASN A 29 -0.61 -6.74 -7.36
CA ASN A 29 -1.62 -5.68 -7.34
C ASN A 29 -1.38 -4.73 -6.18
N ASP A 30 -1.96 -3.54 -6.28
CA ASP A 30 -1.64 -2.45 -5.35
C ASP A 30 -2.12 -2.69 -3.91
N VAL A 31 -3.07 -3.59 -3.68
CA VAL A 31 -3.60 -3.80 -2.33
C VAL A 31 -2.69 -4.70 -1.49
N VAL A 32 -1.93 -5.56 -2.16
CA VAL A 32 -1.19 -6.60 -1.46
C VAL A 32 0.33 -6.49 -1.61
N GLN A 33 0.82 -5.43 -2.23
CA GLN A 33 2.26 -5.33 -2.47
C GLN A 33 3.14 -5.35 -1.22
N THR A 34 2.79 -4.57 -0.21
CA THR A 34 3.62 -4.49 0.97
C THR A 34 3.68 -5.83 1.74
N PHE A 35 2.51 -6.42 1.92
CA PHE A 35 2.38 -7.71 2.55
C PHE A 35 3.11 -8.78 1.74
N THR A 36 3.00 -8.77 0.41
CA THR A 36 3.79 -9.70 -0.42
C THR A 36 5.30 -9.60 -0.19
N ALA A 37 5.82 -8.37 -0.19
CA ALA A 37 7.23 -8.16 0.06
C ALA A 37 7.61 -8.68 1.46
N ASN A 38 6.77 -8.38 2.46
CA ASN A 38 7.10 -8.80 3.81
C ASN A 38 7.04 -10.32 4.00
N VAL A 39 6.11 -10.97 3.33
CA VAL A 39 6.03 -12.41 3.37
C VAL A 39 7.27 -13.01 2.75
N LEU A 40 7.65 -12.50 1.60
CA LEU A 40 8.82 -13.04 0.93
C LEU A 40 10.09 -12.82 1.75
N LEU A 41 10.24 -11.63 2.33
CA LEU A 41 11.36 -11.40 3.25
C LEU A 41 11.31 -12.33 4.45
N ALA A 42 10.13 -12.55 5.00
CA ALA A 42 10.06 -13.40 6.20
C ALA A 42 10.49 -14.83 5.96
N VAL A 43 10.26 -15.39 4.76
CA VAL A 43 10.62 -16.78 4.50
C VAL A 43 12.03 -16.92 4.01
N GLY A 44 12.73 -15.81 3.87
CA GLY A 44 14.10 -15.85 3.44
C GLY A 44 14.34 -15.47 2.00
N ALA A 45 13.30 -15.09 1.25
CA ALA A 45 13.51 -14.75 -0.15
C ALA A 45 13.77 -13.25 -0.29
N SER A 46 13.89 -12.77 -1.53
CA SER A 46 14.12 -11.35 -1.78
C SER A 46 13.15 -10.78 -2.83
N PRO A 47 12.23 -9.92 -2.40
CA PRO A 47 11.25 -9.31 -3.29
C PRO A 47 11.84 -8.14 -4.04
N ALA A 48 11.41 -7.94 -5.27
CA ALA A 48 11.75 -6.77 -6.06
C ALA A 48 10.54 -6.38 -6.88
N MET A 49 10.09 -5.15 -6.75
CA MET A 49 8.93 -4.66 -7.51
C MET A 49 9.47 -3.71 -8.55
N VAL A 50 9.36 -4.12 -9.81
CA VAL A 50 9.85 -3.34 -10.96
C VAL A 50 8.74 -3.31 -11.99
N ILE A 51 8.30 -2.11 -12.39
CA ILE A 51 7.09 -2.01 -13.19
C ILE A 51 7.17 -1.20 -14.50
N ASP A 52 8.27 -0.48 -14.74
CA ASP A 52 8.45 0.18 -16.03
C ASP A 52 8.70 -0.91 -17.08
N PRO A 53 8.11 -0.81 -18.30
CA PRO A 53 8.28 -1.87 -19.33
C PRO A 53 9.73 -2.25 -19.64
N ARG A 54 10.58 -1.24 -19.76
CA ARG A 54 12.01 -1.47 -20.05
C ARG A 54 12.79 -2.02 -18.86
N GLU A 55 12.59 -1.42 -17.69
CA GLU A 55 13.19 -1.96 -16.47
C GLU A 55 12.75 -3.38 -16.21
N ALA A 56 11.46 -3.62 -16.39
CA ALA A 56 10.88 -4.93 -16.13
C ALA A 56 11.45 -5.99 -17.05
N ALA A 57 11.59 -5.65 -18.33
CA ALA A 57 12.18 -6.59 -19.27
C ALA A 57 13.57 -6.90 -18.85
N GLN A 58 14.30 -5.84 -18.49
CA GLN A 58 15.67 -6.02 -18.08
C GLN A 58 15.75 -6.90 -16.83
N PHE A 59 14.87 -6.63 -15.87
CA PHE A 59 14.95 -7.33 -14.58
C PHE A 59 14.43 -8.78 -14.59
N ALA A 60 13.40 -9.03 -15.38
CA ALA A 60 12.84 -10.37 -15.43
C ALA A 60 13.86 -11.36 -15.95
N ALA A 61 14.88 -10.89 -16.66
CA ALA A 61 15.92 -11.78 -17.15
C ALA A 61 16.93 -12.10 -16.07
N ILE A 62 16.97 -11.24 -15.07
CA ILE A 62 17.94 -11.32 -13.96
C ILE A 62 17.40 -12.06 -12.76
N ALA A 63 16.11 -11.94 -12.51
CA ALA A 63 15.51 -12.49 -11.30
C ALA A 63 15.38 -13.99 -11.37
N ASP A 64 15.38 -14.66 -10.22
CA ASP A 64 15.21 -16.11 -10.24
C ASP A 64 13.82 -16.55 -10.64
N ALA A 65 12.83 -15.69 -10.41
CA ALA A 65 11.46 -16.04 -10.72
C ALA A 65 10.60 -14.81 -10.89
N LEU A 66 9.50 -14.98 -11.60
CA LEU A 66 8.59 -13.88 -11.86
C LEU A 66 7.16 -14.18 -11.50
N LEU A 67 6.54 -13.25 -10.77
CA LEU A 67 5.13 -13.28 -10.40
C LEU A 67 4.33 -12.22 -11.14
N ILE A 68 3.31 -12.71 -11.83
CA ILE A 68 2.31 -11.92 -12.46
C ILE A 68 0.95 -12.09 -11.78
N ASN A 69 0.52 -11.05 -11.08
CA ASN A 69 -0.83 -10.98 -10.46
C ASN A 69 -1.62 -9.81 -11.04
N VAL A 70 -2.78 -10.11 -11.62
CA VAL A 70 -3.61 -9.11 -12.34
C VAL A 70 -4.71 -8.40 -11.52
N GLY A 71 -4.65 -8.47 -10.19
CA GLY A 71 -5.69 -7.93 -9.32
C GLY A 71 -6.09 -6.46 -9.52
N THR A 72 -5.16 -5.61 -9.95
CA THR A 72 -5.51 -4.21 -10.25
C THR A 72 -4.93 -3.82 -11.58
N LEU A 73 -5.27 -4.62 -12.58
CA LEU A 73 -4.74 -4.44 -13.91
C LEU A 73 -5.14 -3.12 -14.57
N THR A 74 -4.18 -2.56 -15.29
CA THR A 74 -4.42 -1.40 -16.13
C THR A 74 -3.71 -1.63 -17.45
N GLU A 75 -4.02 -0.82 -18.44
CA GLU A 75 -3.43 -0.96 -19.76
C GLU A 75 -1.90 -0.89 -19.73
N ASP A 76 -1.36 0.13 -19.06
CA ASP A 76 0.08 0.31 -19.00
C ASP A 76 0.75 -0.86 -18.31
N ARG A 77 0.17 -1.36 -17.22
CA ARG A 77 0.83 -2.43 -16.50
C ARG A 77 0.82 -3.73 -17.34
N ALA A 78 -0.24 -3.96 -18.11
CA ALA A 78 -0.32 -5.13 -18.98
C ALA A 78 0.85 -5.17 -19.96
N VAL A 79 1.27 -4.00 -20.44
CA VAL A 79 2.34 -3.97 -21.44
C VAL A 79 3.65 -4.33 -20.80
N ALA A 80 3.89 -3.80 -19.60
CA ALA A 80 5.07 -4.13 -18.83
C ALA A 80 5.10 -5.62 -18.43
N MET A 81 3.95 -6.14 -18.02
CA MET A 81 3.82 -7.55 -17.63
C MET A 81 4.13 -8.49 -18.84
N ARG A 82 3.55 -8.19 -20.01
CA ARG A 82 3.83 -9.02 -21.19
C ARG A 82 5.32 -9.02 -21.53
N ALA A 83 5.93 -7.82 -21.52
CA ALA A 83 7.39 -7.73 -21.69
C ALA A 83 8.23 -8.58 -20.68
N ALA A 84 7.89 -8.44 -19.40
CA ALA A 84 8.56 -9.24 -18.38
C ALA A 84 8.43 -10.72 -18.66
N VAL A 85 7.21 -11.18 -18.95
CA VAL A 85 7.00 -12.58 -19.20
C VAL A 85 7.88 -13.05 -20.38
N GLU A 86 7.91 -12.26 -21.46
CA GLU A 86 8.70 -12.64 -22.64
C GLU A 86 10.18 -12.75 -22.34
N HIS A 87 10.73 -11.80 -21.57
CA HIS A 87 12.14 -11.90 -21.24
C HIS A 87 12.48 -12.94 -20.19
N ALA A 88 11.58 -13.21 -19.27
CA ALA A 88 11.85 -14.27 -18.30
C ALA A 88 11.88 -15.62 -19.04
N ARG A 89 10.92 -15.80 -19.93
CA ARG A 89 10.83 -17.00 -20.75
C ARG A 89 12.09 -17.15 -21.62
N GLN A 90 12.50 -16.08 -22.29
CA GLN A 90 13.73 -16.17 -23.07
C GLN A 90 14.95 -16.45 -22.18
N ALA A 91 14.94 -16.02 -20.91
CA ALA A 91 16.05 -16.28 -19.99
C ALA A 91 15.99 -17.59 -19.20
N GLY A 92 14.94 -18.38 -19.37
CA GLY A 92 14.84 -19.63 -18.66
C GLY A 92 14.37 -19.45 -17.21
N LYS A 93 13.83 -18.27 -16.91
CA LYS A 93 13.28 -18.02 -15.56
C LYS A 93 11.79 -18.36 -15.42
N PRO A 94 11.44 -19.19 -14.43
CA PRO A 94 10.05 -19.58 -14.23
C PRO A 94 9.13 -18.43 -13.80
N TRP A 95 7.97 -18.38 -14.41
CA TRP A 95 6.97 -17.37 -14.03
C TRP A 95 5.64 -17.98 -13.64
N THR A 96 4.97 -17.30 -12.71
CA THR A 96 3.76 -17.77 -12.08
C THR A 96 2.64 -16.78 -12.33
N LEU A 97 1.48 -17.30 -12.69
CA LEU A 97 0.28 -16.51 -12.90
C LEU A 97 -0.70 -16.64 -11.78
N ASP A 98 -1.14 -15.50 -11.25
CA ASP A 98 -2.29 -15.41 -10.33
C ASP A 98 -3.45 -14.66 -10.99
N PRO A 99 -4.46 -15.42 -11.48
CA PRO A 99 -5.54 -14.86 -12.30
C PRO A 99 -6.70 -14.29 -11.51
N VAL A 100 -6.39 -13.35 -10.63
CA VAL A 100 -7.36 -12.75 -9.72
C VAL A 100 -8.61 -12.24 -10.45
N ALA A 101 -9.77 -12.85 -10.15
CA ALA A 101 -11.06 -12.41 -10.69
C ALA A 101 -11.18 -12.56 -12.21
N VAL A 102 -10.33 -13.40 -12.79
CA VAL A 102 -10.47 -13.83 -14.18
C VAL A 102 -11.80 -14.59 -14.26
N GLY A 103 -12.55 -14.40 -15.34
CA GLY A 103 -13.91 -14.92 -15.40
C GLY A 103 -15.01 -13.92 -15.03
N ALA A 104 -14.68 -12.96 -14.18
CA ALA A 104 -15.66 -11.96 -13.72
C ALA A 104 -15.48 -10.58 -14.40
N LEU A 105 -14.26 -10.30 -14.84
CA LEU A 105 -13.95 -9.00 -15.44
C LEU A 105 -13.25 -9.24 -16.76
N THR A 106 -13.77 -8.62 -17.80
CA THR A 106 -13.36 -8.90 -19.19
C THR A 106 -11.90 -8.63 -19.54
N VAL A 107 -11.39 -7.45 -19.19
CA VAL A 107 -10.05 -7.10 -19.67
C VAL A 107 -8.99 -8.07 -19.15
N ARG A 108 -9.02 -8.37 -17.85
CA ARG A 108 -8.00 -9.23 -17.32
C ARG A 108 -8.17 -10.68 -17.78
N THR A 109 -9.41 -11.09 -18.03
CA THR A 109 -9.71 -12.43 -18.52
C THR A 109 -9.07 -12.64 -19.88
N ALA A 110 -9.34 -11.71 -20.80
CA ALA A 110 -8.71 -11.78 -22.12
C ALA A 110 -7.17 -11.75 -22.08
N PHE A 111 -6.64 -10.87 -21.22
CA PHE A 111 -5.22 -10.79 -21.05
C PHE A 111 -4.59 -12.10 -20.56
N CYS A 112 -5.21 -12.75 -19.57
CA CYS A 112 -4.67 -14.00 -19.06
C CYS A 112 -4.72 -15.14 -20.09
N HIS A 113 -5.81 -15.22 -20.85
CA HIS A 113 -5.82 -16.16 -22.00
C HIS A 113 -4.65 -15.93 -22.94
N GLU A 114 -4.34 -14.68 -23.24
CA GLU A 114 -3.14 -14.40 -24.04
C GLU A 114 -1.84 -14.83 -23.39
N LEU A 115 -1.69 -14.53 -22.10
CA LEU A 115 -0.48 -14.92 -21.38
C LEU A 115 -0.27 -16.44 -21.26
N LEU A 116 -1.33 -17.24 -21.18
CA LEU A 116 -1.10 -18.69 -21.10
C LEU A 116 -0.31 -19.32 -22.24
N ALA A 117 -0.32 -18.70 -23.42
CA ALA A 117 0.53 -19.13 -24.54
C ALA A 117 1.97 -19.19 -24.12
N LEU A 118 2.36 -18.27 -23.22
CA LEU A 118 3.75 -18.09 -22.88
C LEU A 118 4.25 -18.97 -21.72
N GLN A 119 3.50 -20.03 -21.41
CA GLN A 119 4.01 -21.15 -20.60
C GLN A 119 4.41 -20.83 -19.15
N PRO A 120 3.44 -20.50 -18.33
CA PRO A 120 3.76 -20.28 -16.91
C PRO A 120 4.24 -21.60 -16.25
N ALA A 121 5.12 -21.55 -15.24
CA ALA A 121 5.49 -22.74 -14.52
C ALA A 121 4.40 -23.15 -13.54
N ALA A 122 3.61 -22.19 -13.09
CA ALA A 122 2.54 -22.47 -12.18
C ALA A 122 1.41 -21.47 -12.34
N ILE A 123 0.21 -21.92 -12.06
CA ILE A 123 -0.97 -21.07 -11.99
C ILE A 123 -1.64 -21.33 -10.65
N ARG A 124 -1.87 -20.26 -9.90
CA ARG A 124 -2.47 -20.33 -8.58
C ARG A 124 -3.75 -19.53 -8.59
N GLY A 125 -4.90 -20.17 -8.47
CA GLY A 125 -6.13 -19.39 -8.37
C GLY A 125 -7.25 -20.10 -7.64
N ASN A 126 -8.43 -19.49 -7.51
CA ASN A 126 -9.59 -20.22 -6.97
C ASN A 126 -10.41 -20.92 -8.06
N ALA A 127 -11.46 -21.63 -7.63
CA ALA A 127 -12.20 -22.53 -8.49
C ALA A 127 -12.72 -21.86 -9.75
N SER A 128 -13.33 -20.69 -9.60
CA SER A 128 -13.93 -20.00 -10.74
C SER A 128 -12.86 -19.52 -11.74
N GLU A 129 -11.72 -19.06 -11.22
CA GLU A 129 -10.64 -18.54 -12.07
C GLU A 129 -10.05 -19.66 -12.90
N ILE A 130 -9.87 -20.80 -12.25
CA ILE A 130 -9.26 -21.91 -12.92
C ILE A 130 -10.24 -22.50 -13.96
N LEU A 131 -11.52 -22.53 -13.65
CA LEU A 131 -12.47 -22.96 -14.68
C LEU A 131 -12.49 -22.04 -15.92
N ALA A 132 -12.54 -20.72 -15.70
CA ALA A 132 -12.46 -19.78 -16.84
C ALA A 132 -11.25 -20.06 -17.74
N LEU A 133 -10.09 -20.17 -17.13
CA LEU A 133 -8.90 -20.43 -17.92
C LEU A 133 -8.85 -21.79 -18.60
N ALA A 134 -9.43 -22.83 -17.97
CA ALA A 134 -9.36 -24.19 -18.52
C ALA A 134 -10.24 -24.31 -19.73
N GLY A 135 -11.25 -23.46 -19.79
CA GLY A 135 -12.16 -23.42 -20.93
C GLY A 135 -13.24 -24.48 -20.77
N MET A 136 -13.69 -24.62 -19.52
CA MET A 136 -14.46 -25.77 -19.08
C MET A 136 -15.46 -25.37 -18.00
N ALA A 149 -13.06 -25.78 -4.54
CA ALA A 149 -11.84 -26.14 -5.25
C ALA A 149 -11.95 -27.50 -5.96
N ALA A 150 -12.73 -28.41 -5.37
CA ALA A 150 -12.72 -29.81 -5.82
C ALA A 150 -13.51 -30.02 -7.12
N ALA A 151 -14.55 -29.22 -7.35
CA ALA A 151 -15.31 -29.33 -8.60
C ALA A 151 -14.52 -28.69 -9.76
N ALA A 152 -13.52 -27.89 -9.41
CA ALA A 152 -12.58 -27.37 -10.40
C ALA A 152 -11.44 -28.35 -10.66
N LEU A 153 -11.49 -29.56 -10.09
CA LEU A 153 -10.36 -30.46 -10.24
C LEU A 153 -10.16 -31.04 -11.64
N PRO A 154 -11.24 -31.50 -12.29
CA PRO A 154 -11.00 -31.97 -13.66
C PRO A 154 -10.40 -30.87 -14.56
N ALA A 155 -10.90 -29.65 -14.41
CA ALA A 155 -10.40 -28.47 -15.15
C ALA A 155 -8.94 -28.21 -14.88
N ALA A 156 -8.55 -28.24 -13.61
CA ALA A 156 -7.16 -28.01 -13.25
C ALA A 156 -6.27 -29.02 -13.90
N GLN A 157 -6.67 -30.28 -13.84
CA GLN A 157 -5.88 -31.30 -14.50
C GLN A 157 -5.79 -31.10 -16.03
N ALA A 158 -6.92 -30.74 -16.62
CA ALA A 158 -6.95 -30.45 -18.07
C ALA A 158 -6.01 -29.31 -18.44
N LEU A 159 -6.14 -28.21 -17.71
CA LEU A 159 -5.25 -27.05 -17.86
C LEU A 159 -3.80 -27.42 -17.70
N ALA A 160 -3.50 -28.15 -16.62
CA ALA A 160 -2.15 -28.55 -16.35
C ALA A 160 -1.58 -29.37 -17.47
N ARG A 161 -2.35 -30.34 -17.97
CA ARG A 161 -1.86 -31.18 -19.08
C ARG A 161 -1.60 -30.35 -20.34
N ARG A 162 -2.59 -29.54 -20.68
CA ARG A 162 -2.51 -28.69 -21.85
C ARG A 162 -1.24 -27.83 -21.86
N LEU A 163 -0.93 -27.21 -20.72
CA LEU A 163 0.21 -26.31 -20.67
C LEU A 163 1.51 -26.90 -20.13
N ALA A 164 1.50 -28.17 -19.73
CA ALA A 164 2.62 -28.72 -18.96
C ALA A 164 3.01 -27.79 -17.83
N THR A 165 2.05 -27.44 -16.98
CA THR A 165 2.26 -26.47 -15.91
C THR A 165 1.75 -27.15 -14.64
N VAL A 166 2.08 -26.59 -13.48
CA VAL A 166 1.42 -26.97 -12.23
C VAL A 166 0.29 -25.99 -11.90
N VAL A 167 -0.89 -26.53 -11.64
CA VAL A 167 -2.03 -25.75 -11.23
C VAL A 167 -2.40 -26.00 -9.75
N ALA A 168 -2.50 -24.91 -9.00
CA ALA A 168 -2.97 -24.94 -7.62
C ALA A 168 -4.31 -24.22 -7.51
N VAL A 169 -5.35 -24.99 -7.17
CA VAL A 169 -6.69 -24.43 -7.02
C VAL A 169 -6.98 -24.39 -5.52
N THR A 170 -7.13 -23.16 -5.02
CA THR A 170 -7.05 -22.94 -3.57
C THR A 170 -8.38 -22.63 -2.94
N GLY A 171 -8.47 -22.93 -1.65
CA GLY A 171 -9.69 -22.79 -0.89
C GLY A 171 -9.43 -23.33 0.51
N GLU A 172 -10.47 -23.81 1.17
CA GLU A 172 -10.32 -24.40 2.50
C GLU A 172 -9.31 -25.54 2.43
N VAL A 173 -9.49 -26.41 1.43
CA VAL A 173 -8.47 -27.36 1.05
C VAL A 173 -7.84 -26.88 -0.26
N ASP A 174 -6.52 -26.92 -0.35
CA ASP A 174 -5.84 -26.59 -1.59
C ASP A 174 -5.64 -27.87 -2.35
N TYR A 175 -5.94 -27.89 -3.64
CA TYR A 175 -5.53 -28.97 -4.53
C TYR A 175 -4.48 -28.54 -5.51
N VAL A 176 -3.48 -29.39 -5.69
CA VAL A 176 -2.35 -29.11 -6.56
C VAL A 176 -2.13 -30.24 -7.55
N THR A 177 -2.12 -29.92 -8.85
CA THR A 177 -1.89 -30.96 -9.86
C THR A 177 -0.95 -30.59 -11.01
N ASP A 178 -0.30 -31.62 -11.54
CA ASP A 178 0.46 -31.51 -12.78
C ASP A 178 -0.26 -32.19 -13.97
N GLY A 179 -1.54 -32.44 -13.83
CA GLY A 179 -2.31 -33.10 -14.87
C GLY A 179 -2.62 -34.52 -14.47
N GLU A 180 -1.59 -35.23 -14.00
CA GLU A 180 -1.73 -36.58 -13.45
C GLU A 180 -1.92 -36.59 -11.94
N ARG A 181 -0.83 -36.41 -11.20
CA ARG A 181 -0.91 -36.42 -9.73
C ARG A 181 -1.74 -35.28 -9.19
N VAL A 182 -2.52 -35.56 -8.15
CA VAL A 182 -3.25 -34.55 -7.38
C VAL A 182 -2.89 -34.66 -5.90
N LEU A 183 -2.41 -33.56 -5.32
CA LEU A 183 -2.17 -33.49 -3.88
C LEU A 183 -3.19 -32.57 -3.28
N SER A 184 -3.62 -32.84 -2.06
CA SER A 184 -4.48 -31.87 -1.37
C SER A 184 -3.80 -31.48 -0.09
N VAL A 185 -4.08 -30.26 0.35
CA VAL A 185 -3.45 -29.66 1.52
C VAL A 185 -4.53 -29.00 2.32
N ALA A 186 -4.83 -29.60 3.49
CA ALA A 186 -5.82 -29.07 4.41
C ALA A 186 -5.11 -28.24 5.50
N GLY A 187 -5.91 -27.52 6.26
CA GLY A 187 -5.41 -26.82 7.44
C GLY A 187 -5.77 -25.36 7.39
N GLY A 188 -4.98 -24.53 8.07
CA GLY A 188 -5.25 -23.10 8.11
C GLY A 188 -6.36 -22.72 9.06
N ASN A 189 -7.07 -21.64 8.74
CA ASN A 189 -8.11 -21.13 9.62
C ASN A 189 -8.94 -20.14 8.81
N PRO A 190 -10.27 -20.12 9.03
CA PRO A 190 -11.15 -19.17 8.33
C PRO A 190 -10.72 -17.71 8.43
N LEU A 191 -10.09 -17.34 9.56
CA LEU A 191 -9.65 -15.97 9.76
C LEU A 191 -8.75 -15.47 8.62
N MET A 192 -8.01 -16.39 7.95
CA MET A 192 -7.11 -16.00 6.84
C MET A 192 -7.84 -15.23 5.73
N THR A 193 -9.15 -15.46 5.62
CA THR A 193 -9.96 -14.86 4.58
C THR A 193 -10.49 -13.48 4.94
N ARG A 194 -10.32 -13.09 6.20
CA ARG A 194 -10.83 -11.83 6.69
C ARG A 194 -9.71 -10.81 6.79
N VAL A 195 -8.59 -11.16 6.17
CA VAL A 195 -7.39 -10.37 6.13
C VAL A 195 -7.01 -10.31 4.66
N VAL A 196 -6.61 -9.15 4.15
CA VAL A 196 -6.40 -9.07 2.71
C VAL A 196 -5.00 -9.56 2.27
N GLY A 197 -4.94 -10.27 1.15
CA GLY A 197 -3.66 -10.59 0.55
C GLY A 197 -2.99 -11.90 0.96
N THR A 198 -3.64 -12.75 1.77
CA THR A 198 -3.05 -14.05 2.05
C THR A 198 -2.94 -14.99 0.82
N GLY A 199 -3.88 -14.92 -0.11
CA GLY A 199 -3.79 -15.80 -1.28
C GLY A 199 -2.77 -15.23 -2.26
N CYS A 200 -2.72 -13.89 -2.33
CA CYS A 200 -1.83 -13.20 -3.25
C CYS A 200 -0.41 -13.38 -2.74
N ALA A 201 -0.29 -13.48 -1.41
CA ALA A 201 0.98 -13.78 -0.82
C ALA A 201 1.34 -15.27 -1.04
N LEU A 202 0.37 -16.17 -0.93
CA LEU A 202 0.65 -17.56 -1.29
C LEU A 202 1.25 -17.67 -2.69
N SER A 203 0.66 -16.97 -3.66
CA SER A 203 1.19 -16.97 -5.04
C SER A 203 2.66 -16.54 -5.12
N ALA A 204 3.05 -15.55 -4.32
CA ALA A 204 4.43 -15.14 -4.36
C ALA A 204 5.34 -16.23 -3.77
N VAL A 205 4.88 -16.90 -2.70
CA VAL A 205 5.68 -18.04 -2.18
C VAL A 205 5.76 -19.23 -3.20
N VAL A 206 4.66 -19.48 -3.89
CA VAL A 206 4.62 -20.51 -4.91
C VAL A 206 5.61 -20.15 -6.02
N ALA A 207 5.65 -18.86 -6.39
CA ALA A 207 6.51 -18.39 -7.44
C ALA A 207 7.95 -18.56 -7.07
N ALA A 208 8.29 -18.19 -5.83
CA ALA A 208 9.67 -18.41 -5.37
C ALA A 208 9.99 -19.91 -5.39
N SER A 209 9.00 -20.72 -5.02
CA SER A 209 9.26 -22.18 -4.92
C SER A 209 9.57 -22.85 -6.29
N ALA A 210 9.15 -22.22 -7.38
CA ALA A 210 9.42 -22.70 -8.73
C ALA A 210 10.89 -22.57 -9.07
N ALA A 211 11.58 -21.64 -8.45
CA ALA A 211 13.01 -21.43 -8.68
C ALA A 211 13.90 -22.39 -7.92
N LEU A 212 13.32 -23.24 -7.08
CA LEU A 212 14.08 -24.12 -6.20
C LEU A 212 14.23 -25.54 -6.79
N PRO A 213 15.30 -26.26 -6.40
CA PRO A 213 15.47 -27.63 -6.88
C PRO A 213 14.41 -28.57 -6.32
N GLY A 214 14.16 -29.67 -7.02
CA GLY A 214 13.20 -30.65 -6.56
C GLY A 214 12.02 -30.81 -7.50
N ASP A 215 11.07 -31.64 -7.10
CA ASP A 215 9.84 -31.80 -7.82
C ASP A 215 8.87 -30.59 -7.64
N ARG A 216 8.53 -29.96 -8.76
CA ARG A 216 7.76 -28.72 -8.77
C ARG A 216 6.41 -28.89 -8.14
N LEU A 217 5.69 -29.93 -8.53
CA LEU A 217 4.40 -30.23 -7.91
C LEU A 217 4.50 -30.33 -6.37
N GLU A 218 5.50 -31.06 -5.90
CA GLU A 218 5.65 -31.26 -4.48
C GLU A 218 6.07 -29.97 -3.77
N ASN A 219 6.94 -29.19 -4.36
CA ASN A 219 7.29 -27.88 -3.79
C ASN A 219 6.12 -26.92 -3.72
N VAL A 220 5.26 -26.94 -4.75
CA VAL A 220 4.09 -26.09 -4.73
C VAL A 220 3.12 -26.55 -3.63
N ALA A 221 2.93 -27.86 -3.46
CA ALA A 221 2.05 -28.32 -2.39
C ALA A 221 2.66 -27.94 -1.01
N ALA A 222 3.99 -28.01 -0.94
CA ALA A 222 4.70 -27.60 0.27
C ALA A 222 4.48 -26.10 0.55
N ALA A 223 4.54 -25.25 -0.47
CA ALA A 223 4.27 -23.82 -0.25
C ALA A 223 2.87 -23.60 0.29
N CYS A 224 1.90 -24.31 -0.28
CA CYS A 224 0.58 -24.29 0.30
C CYS A 224 0.53 -24.70 1.81
N GLY A 225 1.22 -25.78 2.14
CA GLY A 225 1.32 -26.25 3.53
C GLY A 225 1.97 -25.25 4.46
N LEU A 226 3.05 -24.64 4.00
CA LEU A 226 3.77 -23.58 4.75
C LEU A 226 2.87 -22.43 5.15
N MET A 227 2.15 -21.89 4.16
CA MET A 227 1.25 -20.80 4.44
C MET A 227 0.08 -21.21 5.37
N LYS A 228 -0.52 -22.38 5.15
CA LYS A 228 -1.60 -22.79 6.07
C LYS A 228 -1.10 -23.08 7.51
N GLN A 229 0.11 -23.59 7.67
CA GLN A 229 0.69 -23.77 9.01
C GLN A 229 0.91 -22.45 9.74
N ALA A 230 1.53 -21.49 9.03
CA ALA A 230 1.66 -20.16 9.62
C ALA A 230 0.31 -19.57 9.96
N GLY A 231 -0.66 -19.75 9.07
CA GLY A 231 -1.97 -19.20 9.32
C GLY A 231 -2.73 -19.80 10.51
N GLU A 232 -2.63 -21.12 10.66
CA GLU A 232 -3.16 -21.74 11.87
C GLU A 232 -2.47 -21.18 13.11
N ILE A 233 -1.15 -21.05 13.13
CA ILE A 233 -0.54 -20.41 14.32
C ILE A 233 -1.10 -18.99 14.55
N ALA A 234 -1.16 -18.19 13.49
CA ALA A 234 -1.47 -16.78 13.65
C ALA A 234 -2.92 -16.56 13.97
N ALA A 235 -3.75 -17.53 13.56
CA ALA A 235 -5.19 -17.41 13.80
C ALA A 235 -5.60 -17.57 15.27
N ARG A 236 -4.75 -18.20 16.08
CA ARG A 236 -5.12 -18.49 17.47
C ARG A 236 -5.36 -17.20 18.25
N GLN A 237 -4.70 -16.13 17.82
CA GLN A 237 -4.86 -14.81 18.46
C GLN A 237 -6.34 -14.45 18.48
N GLY A 238 -7.03 -14.81 17.41
CA GLY A 238 -8.46 -14.59 17.31
C GLY A 238 -8.95 -13.39 16.51
N GLY A 239 -8.09 -12.37 16.31
CA GLY A 239 -8.47 -11.20 15.53
C GLY A 239 -7.64 -10.95 14.26
N PRO A 240 -8.24 -10.33 13.23
CA PRO A 240 -7.56 -10.12 11.95
C PRO A 240 -6.44 -9.09 11.98
N GLY A 241 -6.52 -8.14 12.91
CA GLY A 241 -5.46 -7.15 13.08
C GLY A 241 -4.21 -7.81 13.64
N SER A 242 -4.38 -8.60 14.70
CA SER A 242 -3.25 -9.28 15.35
C SER A 242 -2.68 -10.44 14.52
N PHE A 243 -3.54 -11.04 13.71
CA PHE A 243 -3.17 -12.07 12.74
C PHE A 243 -1.96 -11.72 11.86
N ILE A 244 -1.90 -10.50 11.35
CA ILE A 244 -0.87 -10.16 10.36
C ILE A 244 0.56 -10.20 10.96
N PRO A 245 0.79 -9.50 12.07
CA PRO A 245 2.11 -9.64 12.72
C PRO A 245 2.45 -11.07 13.14
N ALA A 246 1.47 -11.78 13.70
CA ALA A 246 1.68 -13.18 14.13
C ALA A 246 2.08 -14.09 12.97
N PHE A 247 1.45 -13.84 11.82
CA PHE A 247 1.66 -14.64 10.58
C PHE A 247 3.06 -14.44 10.02
N LEU A 248 3.43 -13.17 9.88
CA LEU A 248 4.82 -12.89 9.56
C LEU A 248 5.79 -13.47 10.58
N ASP A 249 5.49 -13.38 11.87
CA ASP A 249 6.41 -13.93 12.88
C ASP A 249 6.58 -15.44 12.69
N ALA A 250 5.46 -16.09 12.40
CA ALA A 250 5.44 -17.54 12.29
C ALA A 250 6.11 -18.02 11.02
N LEU A 251 6.11 -17.22 9.94
CA LEU A 251 7.00 -17.54 8.79
C LEU A 251 8.51 -17.37 9.06
N TYR A 252 8.88 -16.46 9.95
CA TYR A 252 10.28 -16.22 10.21
C TYR A 252 10.93 -17.27 11.14
N ASN B 6 -28.84 6.97 21.47
CA ASN B 6 -28.03 7.29 20.30
C ASN B 6 -27.00 6.24 19.91
N PRO B 7 -26.40 5.55 20.90
CA PRO B 7 -25.50 4.46 20.49
C PRO B 7 -26.22 3.24 19.94
N ALA B 8 -27.55 3.26 19.92
CA ALA B 8 -28.33 2.10 19.46
C ALA B 8 -28.08 1.82 17.98
N PRO B 9 -28.29 2.83 17.10
CA PRO B 9 -27.96 2.62 15.70
C PRO B 9 -26.56 2.07 15.44
N VAL B 10 -25.57 2.49 16.23
CA VAL B 10 -24.19 2.04 16.03
C VAL B 10 -24.12 0.54 16.18
N ALA B 11 -24.63 0.05 17.30
CA ALA B 11 -24.70 -1.39 17.56
C ALA B 11 -25.51 -2.11 16.47
N HIS B 12 -26.59 -1.48 16.00
CA HIS B 12 -27.38 -2.12 14.94
C HIS B 12 -26.62 -2.16 13.61
N LEU B 13 -25.87 -1.09 13.30
CA LEU B 13 -25.13 -1.00 12.05
C LEU B 13 -24.11 -2.12 12.06
N ARG B 14 -23.51 -2.33 13.22
CA ARG B 14 -22.52 -3.41 13.37
C ARG B 14 -23.05 -4.78 12.90
N HIS B 15 -24.25 -5.16 13.35
CA HIS B 15 -24.80 -6.45 12.94
C HIS B 15 -25.26 -6.42 11.48
N LEU B 16 -25.79 -5.30 11.01
CA LEU B 16 -26.24 -5.23 9.62
C LEU B 16 -25.12 -5.33 8.60
N LEU B 17 -23.98 -4.67 8.88
CA LEU B 17 -22.83 -4.80 7.98
C LEU B 17 -22.43 -6.26 7.82
N ARG B 18 -22.39 -6.99 8.91
CA ARG B 18 -22.00 -8.40 8.86
C ARG B 18 -23.08 -9.23 8.17
N ALA B 19 -24.34 -8.91 8.41
CA ALA B 19 -25.41 -9.66 7.77
C ALA B 19 -25.52 -9.41 6.25
N HIS B 20 -25.37 -8.16 5.79
CA HIS B 20 -25.52 -7.88 4.36
C HIS B 20 -24.25 -8.06 3.55
N SER B 21 -23.12 -7.98 4.24
CA SER B 21 -21.78 -8.11 3.65
C SER B 21 -21.64 -7.37 2.32
N PRO B 22 -21.83 -6.05 2.36
CA PRO B 22 -21.89 -5.30 1.12
C PRO B 22 -20.56 -5.30 0.36
N LEU B 23 -20.67 -5.49 -0.94
CA LEU B 23 -19.54 -5.46 -1.86
C LEU B 23 -19.28 -4.01 -2.29
N VAL B 24 -18.15 -3.47 -1.87
CA VAL B 24 -17.78 -2.09 -2.13
C VAL B 24 -16.66 -2.01 -3.13
N HIS B 25 -16.96 -1.36 -4.24
CA HIS B 25 -15.98 -0.98 -5.23
C HIS B 25 -15.18 0.22 -4.69
N CYS B 26 -13.89 0.03 -4.40
CA CYS B 26 -13.05 1.07 -3.78
C CYS B 26 -12.08 1.61 -4.79
N MET B 27 -12.27 2.88 -5.15
CA MET B 27 -11.31 3.60 -5.99
C MET B 27 -10.71 4.65 -5.06
N THR B 28 -9.68 4.24 -4.33
CA THR B 28 -9.12 5.11 -3.30
C THR B 28 -7.64 5.32 -3.53
N ASN B 29 -7.00 6.06 -2.65
CA ASN B 29 -5.64 6.50 -2.92
C ASN B 29 -4.58 5.44 -2.54
N ASP B 30 -3.44 5.59 -3.18
CA ASP B 30 -2.24 4.76 -2.99
C ASP B 30 -1.83 4.44 -1.58
N VAL B 31 -2.04 5.37 -0.66
CA VAL B 31 -1.47 5.25 0.66
C VAL B 31 -2.34 4.42 1.60
N VAL B 32 -3.62 4.30 1.30
CA VAL B 32 -4.59 3.72 2.25
C VAL B 32 -5.29 2.46 1.75
N GLN B 33 -4.85 1.91 0.60
CA GLN B 33 -5.50 0.76 -0.03
C GLN B 33 -5.67 -0.43 0.91
N THR B 34 -4.56 -0.87 1.45
CA THR B 34 -4.53 -2.08 2.23
C THR B 34 -5.39 -1.94 3.48
N PHE B 35 -5.21 -0.82 4.17
CA PHE B 35 -5.95 -0.59 5.42
C PHE B 35 -7.45 -0.44 5.18
N THR B 36 -7.83 0.26 4.12
CA THR B 36 -9.25 0.34 3.71
C THR B 36 -9.83 -1.07 3.49
N ALA B 37 -9.10 -1.89 2.75
CA ALA B 37 -9.52 -3.24 2.49
C ALA B 37 -9.66 -4.05 3.78
N ASN B 38 -8.71 -3.88 4.68
CA ASN B 38 -8.73 -4.67 5.91
C ASN B 38 -9.82 -4.20 6.88
N VAL B 39 -10.09 -2.91 6.91
CA VAL B 39 -11.20 -2.36 7.66
C VAL B 39 -12.54 -2.88 7.11
N LEU B 40 -12.71 -2.83 5.81
CA LEU B 40 -13.95 -3.34 5.21
C LEU B 40 -14.10 -4.83 5.47
N LEU B 41 -13.02 -5.60 5.40
CA LEU B 41 -13.09 -7.00 5.79
C LEU B 41 -13.43 -7.18 7.31
N ALA B 42 -12.80 -6.39 8.17
CA ALA B 42 -13.00 -6.60 9.61
C ALA B 42 -14.45 -6.28 10.02
N VAL B 43 -15.10 -5.34 9.35
CA VAL B 43 -16.51 -5.04 9.67
C VAL B 43 -17.50 -6.02 9.01
N GLY B 44 -16.99 -6.97 8.22
CA GLY B 44 -17.82 -7.96 7.55
C GLY B 44 -18.27 -7.64 6.13
N ALA B 45 -17.74 -6.58 5.53
CA ALA B 45 -17.98 -6.25 4.13
C ALA B 45 -16.94 -6.93 3.21
N SER B 46 -17.08 -6.72 1.91
CA SER B 46 -16.15 -7.25 0.90
C SER B 46 -15.63 -6.12 0.01
N PRO B 47 -14.34 -5.78 0.13
CA PRO B 47 -13.74 -4.72 -0.70
C PRO B 47 -13.31 -5.22 -2.07
N ALA B 48 -13.32 -4.37 -3.09
CA ALA B 48 -12.73 -4.72 -4.37
C ALA B 48 -12.17 -3.50 -5.03
N MET B 49 -10.89 -3.60 -5.37
CA MET B 49 -10.18 -2.47 -5.97
C MET B 49 -10.03 -2.76 -7.46
N VAL B 50 -10.78 -2.03 -8.27
CA VAL B 50 -10.79 -2.24 -9.69
C VAL B 50 -10.53 -0.91 -10.34
N ILE B 51 -9.52 -0.79 -11.20
CA ILE B 51 -9.14 0.57 -11.65
C ILE B 51 -9.05 0.80 -13.15
N ASP B 52 -8.96 -0.25 -13.97
CA ASP B 52 -9.03 -0.09 -15.41
C ASP B 52 -10.39 0.55 -15.76
N PRO B 53 -10.42 1.47 -16.74
CA PRO B 53 -11.69 2.16 -17.01
C PRO B 53 -12.80 1.20 -17.48
N ARG B 54 -12.45 0.25 -18.36
CA ARG B 54 -13.48 -0.68 -18.82
C ARG B 54 -13.93 -1.60 -17.65
N GLU B 55 -12.95 -2.20 -16.96
CA GLU B 55 -13.27 -3.05 -15.82
C GLU B 55 -14.06 -2.28 -14.77
N ALA B 56 -13.74 -1.00 -14.56
CA ALA B 56 -14.36 -0.28 -13.47
C ALA B 56 -15.81 0.03 -13.82
N ALA B 57 -16.06 0.42 -15.08
CA ALA B 57 -17.44 0.49 -15.55
C ALA B 57 -18.19 -0.81 -15.30
N GLN B 58 -17.58 -1.91 -15.70
CA GLN B 58 -18.26 -3.21 -15.53
C GLN B 58 -18.57 -3.50 -14.07
N PHE B 59 -17.59 -3.28 -13.19
CA PHE B 59 -17.74 -3.70 -11.81
C PHE B 59 -18.64 -2.75 -11.01
N ALA B 60 -18.64 -1.48 -11.36
CA ALA B 60 -19.46 -0.51 -10.64
C ALA B 60 -20.96 -0.82 -10.75
N ALA B 61 -21.35 -1.49 -11.82
CA ALA B 61 -22.74 -1.89 -12.00
C ALA B 61 -23.11 -3.08 -11.08
N ILE B 62 -22.10 -3.86 -10.73
CA ILE B 62 -22.27 -5.09 -9.96
C ILE B 62 -22.22 -4.82 -8.47
N ALA B 63 -21.30 -3.95 -8.05
CA ALA B 63 -21.05 -3.75 -6.63
C ALA B 63 -22.26 -3.13 -5.95
N ASP B 64 -22.38 -3.37 -4.65
CA ASP B 64 -23.43 -2.76 -3.84
C ASP B 64 -23.22 -1.26 -3.61
N ALA B 65 -21.96 -0.86 -3.58
CA ALA B 65 -21.65 0.54 -3.43
C ALA B 65 -20.30 0.86 -4.05
N LEU B 66 -20.10 2.16 -4.30
CA LEU B 66 -18.86 2.65 -4.92
C LEU B 66 -18.26 3.79 -4.09
N LEU B 67 -16.98 3.68 -3.73
CA LEU B 67 -16.22 4.76 -3.06
C LEU B 67 -15.26 5.45 -4.02
N ILE B 68 -15.33 6.79 -4.04
CA ILE B 68 -14.39 7.59 -4.80
C ILE B 68 -13.56 8.45 -3.81
N ASN B 69 -12.26 8.19 -3.70
CA ASN B 69 -11.35 8.98 -2.85
C ASN B 69 -10.26 9.52 -3.76
N VAL B 70 -10.08 10.85 -3.77
CA VAL B 70 -9.19 11.51 -4.74
C VAL B 70 -7.79 11.85 -4.22
N GLY B 71 -7.43 11.23 -3.11
CA GLY B 71 -6.17 11.42 -2.41
C GLY B 71 -4.86 11.43 -3.18
N THR B 72 -4.73 10.58 -4.19
CA THR B 72 -3.52 10.59 -5.05
C THR B 72 -4.00 10.59 -6.49
N LEU B 73 -4.85 11.58 -6.80
CA LEU B 73 -5.50 11.64 -8.11
C LEU B 73 -4.47 11.75 -9.23
N THR B 74 -4.74 11.07 -10.33
CA THR B 74 -4.00 11.24 -11.56
C THR B 74 -5.00 11.32 -12.70
N GLU B 75 -4.52 11.74 -13.86
CA GLU B 75 -5.36 11.97 -15.03
C GLU B 75 -6.02 10.67 -15.47
N ASP B 76 -5.23 9.60 -15.60
CA ASP B 76 -5.76 8.30 -16.03
C ASP B 76 -6.79 7.76 -15.05
N ARG B 77 -6.53 7.92 -13.76
CA ARG B 77 -7.41 7.37 -12.74
C ARG B 77 -8.73 8.13 -12.75
N ALA B 78 -8.64 9.43 -13.00
CA ALA B 78 -9.84 10.26 -13.07
C ALA B 78 -10.80 9.75 -14.16
N VAL B 79 -10.26 9.35 -15.30
CA VAL B 79 -11.08 8.78 -16.38
C VAL B 79 -11.85 7.51 -15.95
N ALA B 80 -11.14 6.65 -15.22
CA ALA B 80 -11.74 5.42 -14.72
C ALA B 80 -12.80 5.73 -13.65
N MET B 81 -12.52 6.69 -12.76
CA MET B 81 -13.45 7.10 -11.71
C MET B 81 -14.74 7.67 -12.31
N ARG B 82 -14.60 8.48 -13.36
CA ARG B 82 -15.78 8.99 -14.04
C ARG B 82 -16.60 7.84 -14.64
N ALA B 83 -15.95 6.98 -15.43
CA ALA B 83 -16.62 5.78 -15.99
C ALA B 83 -17.40 5.01 -14.92
N ALA B 84 -16.72 4.74 -13.82
CA ALA B 84 -17.31 4.04 -12.69
C ALA B 84 -18.56 4.75 -12.19
N VAL B 85 -18.43 6.04 -11.86
CA VAL B 85 -19.55 6.76 -11.29
C VAL B 85 -20.77 6.70 -12.24
N GLU B 86 -20.50 6.88 -13.53
CA GLU B 86 -21.56 6.84 -14.55
C GLU B 86 -22.31 5.51 -14.50
N HIS B 87 -21.55 4.40 -14.48
CA HIS B 87 -22.23 3.12 -14.45
C HIS B 87 -22.85 2.77 -13.12
N ALA B 88 -22.33 3.28 -12.02
CA ALA B 88 -22.99 3.04 -10.74
C ALA B 88 -24.34 3.75 -10.71
N ARG B 89 -24.37 4.94 -11.28
CA ARG B 89 -25.60 5.71 -11.32
C ARG B 89 -26.63 4.97 -12.18
N GLN B 90 -26.24 4.58 -13.40
CA GLN B 90 -27.17 3.84 -14.25
C GLN B 90 -27.76 2.60 -13.55
N ALA B 91 -26.95 1.89 -12.77
CA ALA B 91 -27.41 0.70 -12.03
C ALA B 91 -28.09 1.01 -10.70
N GLY B 92 -28.22 2.27 -10.34
CA GLY B 92 -28.83 2.62 -9.07
C GLY B 92 -28.03 2.22 -7.84
N LYS B 93 -26.71 2.03 -7.97
CA LYS B 93 -25.92 1.75 -6.77
C LYS B 93 -25.42 3.08 -6.19
N PRO B 94 -25.54 3.26 -4.88
CA PRO B 94 -25.03 4.46 -4.22
C PRO B 94 -23.49 4.63 -4.29
N TRP B 95 -23.06 5.87 -4.55
CA TRP B 95 -21.64 6.17 -4.58
C TRP B 95 -21.32 7.34 -3.64
N THR B 96 -20.14 7.23 -3.04
CA THR B 96 -19.70 8.14 -1.97
C THR B 96 -18.44 8.91 -2.40
N LEU B 97 -18.39 10.20 -2.05
CA LEU B 97 -17.23 11.04 -2.41
C LEU B 97 -16.41 11.46 -1.19
N ASP B 98 -15.11 11.15 -1.25
CA ASP B 98 -14.14 11.58 -0.26
C ASP B 98 -13.21 12.59 -0.95
N PRO B 99 -13.40 13.88 -0.69
CA PRO B 99 -12.67 14.95 -1.37
C PRO B 99 -11.38 15.32 -0.66
N VAL B 100 -10.49 14.37 -0.44
CA VAL B 100 -9.18 14.61 0.16
C VAL B 100 -8.47 15.84 -0.45
N ALA B 101 -8.20 16.82 0.41
CA ALA B 101 -7.35 17.96 0.06
C ALA B 101 -7.95 18.89 -0.99
N VAL B 102 -9.27 18.87 -1.11
CA VAL B 102 -9.98 19.82 -1.98
C VAL B 102 -9.88 21.23 -1.40
N GLY B 103 -9.68 22.20 -2.28
CA GLY B 103 -9.39 23.57 -1.87
C GLY B 103 -7.90 23.81 -1.95
N ALA B 104 -7.14 22.86 -1.43
CA ALA B 104 -5.70 23.01 -1.24
C ALA B 104 -4.90 22.57 -2.45
N LEU B 105 -5.54 21.82 -3.36
CA LEU B 105 -4.90 21.44 -4.62
C LEU B 105 -5.92 21.60 -5.75
N THR B 106 -5.52 22.30 -6.81
CA THR B 106 -6.43 22.72 -7.87
C THR B 106 -7.08 21.59 -8.69
N VAL B 107 -6.24 20.72 -9.27
CA VAL B 107 -6.70 19.73 -10.25
C VAL B 107 -7.85 18.87 -9.71
N ARG B 108 -7.65 18.35 -8.50
CA ARG B 108 -8.64 17.50 -7.87
C ARG B 108 -9.85 18.32 -7.39
N THR B 109 -9.64 19.61 -7.11
CA THR B 109 -10.75 20.46 -6.66
C THR B 109 -11.74 20.60 -7.85
N ALA B 110 -11.17 20.91 -9.02
CA ALA B 110 -11.98 20.97 -10.23
C ALA B 110 -12.69 19.63 -10.53
N PHE B 111 -11.92 18.54 -10.48
CA PHE B 111 -12.51 17.21 -10.68
C PHE B 111 -13.68 16.88 -9.74
N CYS B 112 -13.52 17.20 -8.46
CA CYS B 112 -14.60 16.99 -7.49
C CYS B 112 -15.85 17.78 -7.89
N HIS B 113 -15.70 19.05 -8.19
CA HIS B 113 -16.86 19.81 -8.67
C HIS B 113 -17.47 19.17 -9.92
N GLU B 114 -16.67 18.64 -10.86
CA GLU B 114 -17.29 17.87 -11.97
C GLU B 114 -18.16 16.72 -11.47
N LEU B 115 -17.62 15.95 -10.53
CA LEU B 115 -18.35 14.80 -9.97
C LEU B 115 -19.59 15.12 -9.14
N LEU B 116 -19.59 16.28 -8.49
CA LEU B 116 -20.76 16.69 -7.69
C LEU B 116 -22.08 16.73 -8.47
N ALA B 117 -22.00 17.03 -9.76
CA ALA B 117 -23.18 17.01 -10.63
C ALA B 117 -23.74 15.59 -10.82
N LEU B 118 -22.95 14.56 -10.50
CA LEU B 118 -23.32 13.17 -10.78
C LEU B 118 -23.97 12.51 -9.57
N GLN B 119 -24.38 13.31 -8.61
CA GLN B 119 -25.36 12.89 -7.61
C GLN B 119 -24.88 11.77 -6.67
N PRO B 120 -23.85 12.07 -5.87
CA PRO B 120 -23.36 11.13 -4.84
C PRO B 120 -24.41 10.92 -3.75
N ALA B 121 -24.44 9.74 -3.13
CA ALA B 121 -25.30 9.46 -1.99
C ALA B 121 -24.79 10.10 -0.73
N ALA B 122 -23.47 10.11 -0.57
CA ALA B 122 -22.86 10.67 0.62
C ALA B 122 -21.56 11.40 0.25
N ILE B 123 -21.25 12.41 1.06
CA ILE B 123 -19.96 13.08 0.97
C ILE B 123 -19.33 13.03 2.34
N ARG B 124 -18.05 12.75 2.39
CA ARG B 124 -17.36 12.72 3.67
C ARG B 124 -16.06 13.49 3.58
N GLY B 125 -15.96 14.54 4.39
CA GLY B 125 -14.74 15.34 4.38
C GLY B 125 -14.44 15.96 5.73
N ASN B 126 -13.29 16.62 5.86
CA ASN B 126 -13.05 17.43 7.05
C ASN B 126 -13.56 18.85 6.80
N ALA B 127 -13.48 19.68 7.82
CA ALA B 127 -13.95 21.07 7.77
C ALA B 127 -13.53 21.78 6.49
N SER B 128 -12.22 21.87 6.25
CA SER B 128 -11.71 22.66 5.15
C SER B 128 -12.16 22.13 3.79
N GLU B 129 -12.27 20.81 3.69
CA GLU B 129 -12.66 20.20 2.43
C GLU B 129 -14.15 20.46 2.13
N ILE B 130 -15.01 20.34 3.13
CA ILE B 130 -16.46 20.58 2.93
C ILE B 130 -16.71 22.07 2.64
N LEU B 131 -16.06 22.94 3.41
CA LEU B 131 -16.06 24.37 3.10
C LEU B 131 -15.71 24.64 1.68
N ALA B 132 -14.53 24.18 1.24
CA ALA B 132 -14.10 24.44 -0.15
C ALA B 132 -15.02 23.76 -1.17
N LEU B 133 -15.52 22.59 -0.82
CA LEU B 133 -16.40 21.87 -1.72
C LEU B 133 -17.71 22.64 -1.94
N ALA B 134 -18.28 23.21 -0.87
CA ALA B 134 -19.54 23.96 -1.01
C ALA B 134 -19.27 25.35 -1.57
N GLY B 135 -18.07 25.88 -1.35
CA GLY B 135 -17.71 27.21 -1.84
C GLY B 135 -17.97 28.29 -0.82
N MET B 136 -17.71 27.99 0.46
CA MET B 136 -17.97 28.90 1.58
C MET B 136 -16.67 29.15 2.33
N SER B 137 -16.30 30.42 2.50
CA SER B 137 -15.13 30.78 3.31
C SER B 137 -15.40 30.45 4.78
N ALA B 138 -14.35 30.34 5.59
CA ALA B 138 -14.51 29.95 6.98
C ALA B 138 -15.12 31.07 7.85
N THR B 146 -11.01 22.67 19.47
CA THR B 146 -11.57 21.50 20.14
C THR B 146 -12.60 20.75 19.28
N ASP B 147 -13.21 21.48 18.36
CA ASP B 147 -14.28 20.95 17.53
C ASP B 147 -14.18 21.63 16.17
N THR B 148 -13.31 21.07 15.33
CA THR B 148 -12.95 21.64 14.05
C THR B 148 -14.09 21.64 13.04
N ALA B 149 -14.99 20.67 13.18
CA ALA B 149 -15.99 20.41 12.15
C ALA B 149 -17.19 21.32 12.29
N ALA B 150 -17.48 21.72 13.53
CA ALA B 150 -18.65 22.55 13.80
C ALA B 150 -18.71 23.73 12.84
N ALA B 151 -17.56 24.33 12.55
CA ALA B 151 -17.50 25.57 11.76
C ALA B 151 -17.93 25.40 10.30
N ALA B 152 -17.86 24.16 9.81
CA ALA B 152 -18.25 23.86 8.43
C ALA B 152 -19.70 23.35 8.38
N LEU B 153 -20.35 23.28 9.55
CA LEU B 153 -21.72 22.77 9.60
C LEU B 153 -22.63 23.56 8.66
N PRO B 154 -22.49 24.89 8.61
CA PRO B 154 -23.28 25.64 7.62
C PRO B 154 -23.03 25.20 6.18
N ALA B 155 -21.79 24.86 5.87
CA ALA B 155 -21.42 24.43 4.52
C ALA B 155 -22.01 23.05 4.18
N ALA B 156 -21.88 22.12 5.13
CA ALA B 156 -22.49 20.82 4.98
C ALA B 156 -23.95 20.97 4.56
N GLN B 157 -24.76 21.56 5.46
CA GLN B 157 -26.20 21.73 5.23
C GLN B 157 -26.53 22.23 3.84
N ALA B 158 -25.81 23.23 3.37
CA ALA B 158 -26.08 23.84 2.07
C ALA B 158 -25.82 22.87 0.95
N LEU B 159 -24.81 22.03 1.13
CA LEU B 159 -24.39 21.13 0.07
C LEU B 159 -25.40 19.99 0.02
N ALA B 160 -25.73 19.48 1.21
CA ALA B 160 -26.73 18.44 1.36
C ALA B 160 -28.04 18.82 0.66
N ARG B 161 -28.48 20.06 0.85
CA ARG B 161 -29.72 20.47 0.21
C ARG B 161 -29.54 20.60 -1.31
N ARG B 162 -28.59 21.42 -1.73
CA ARG B 162 -28.31 21.65 -3.14
C ARG B 162 -28.20 20.38 -4.00
N LEU B 163 -27.82 19.26 -3.38
CA LEU B 163 -27.56 18.01 -4.10
C LEU B 163 -28.41 16.84 -3.61
N ALA B 164 -29.20 17.08 -2.57
CA ALA B 164 -29.99 16.01 -1.95
C ALA B 164 -29.07 14.87 -1.58
N THR B 165 -28.03 15.20 -0.83
CA THR B 165 -27.04 14.25 -0.37
C THR B 165 -27.10 14.14 1.14
N VAL B 166 -26.36 13.20 1.67
CA VAL B 166 -25.96 13.25 3.06
C VAL B 166 -24.51 13.75 3.11
N VAL B 167 -24.24 14.70 4.01
CA VAL B 167 -22.88 15.21 4.19
C VAL B 167 -22.42 14.91 5.60
N ALA B 168 -21.30 14.19 5.67
CA ALA B 168 -20.57 13.96 6.90
C ALA B 168 -19.31 14.81 6.91
N VAL B 169 -19.30 15.78 7.82
CA VAL B 169 -18.11 16.58 8.05
C VAL B 169 -17.52 16.12 9.37
N THR B 170 -16.31 15.56 9.29
CA THR B 170 -15.74 14.83 10.42
C THR B 170 -14.69 15.64 11.15
N GLY B 171 -14.42 15.24 12.39
CA GLY B 171 -13.37 15.84 13.21
C GLY B 171 -13.36 15.12 14.54
N GLU B 172 -12.90 15.80 15.58
CA GLU B 172 -12.95 15.26 16.94
C GLU B 172 -14.41 14.95 17.30
N VAL B 173 -15.31 15.78 16.76
CA VAL B 173 -16.75 15.53 16.76
C VAL B 173 -17.19 15.49 15.30
N ASP B 174 -18.03 14.50 14.95
CA ASP B 174 -18.54 14.36 13.58
C ASP B 174 -19.98 14.89 13.43
N TYR B 175 -20.22 15.67 12.38
CA TYR B 175 -21.59 16.12 12.08
C TYR B 175 -22.07 15.55 10.76
N VAL B 176 -23.28 14.97 10.79
CA VAL B 176 -23.89 14.36 9.63
C VAL B 176 -25.28 14.97 9.35
N THR B 177 -25.47 15.49 8.14
CA THR B 177 -26.71 16.19 7.81
C THR B 177 -27.25 15.90 6.41
N ASP B 178 -28.59 15.89 6.31
CA ASP B 178 -29.24 15.78 5.01
C ASP B 178 -29.69 17.16 4.54
N GLY B 179 -29.31 18.19 5.28
CA GLY B 179 -29.64 19.57 4.91
C GLY B 179 -30.61 20.19 5.89
N GLU B 180 -31.45 19.35 6.48
CA GLU B 180 -32.44 19.79 7.45
C GLU B 180 -32.04 19.27 8.83
N ARG B 181 -31.99 17.95 8.95
CA ARG B 181 -31.56 17.27 10.16
C ARG B 181 -30.03 17.34 10.32
N VAL B 182 -29.54 17.27 11.56
CA VAL B 182 -28.12 17.22 11.88
C VAL B 182 -27.93 16.28 13.05
N LEU B 183 -27.07 15.28 12.87
CA LEU B 183 -26.68 14.38 13.95
C LEU B 183 -25.19 14.57 14.24
N SER B 184 -24.85 14.41 15.51
CA SER B 184 -23.50 14.68 15.97
C SER B 184 -23.01 13.43 16.66
N VAL B 185 -21.73 13.12 16.47
CA VAL B 185 -21.11 11.97 17.12
C VAL B 185 -19.77 12.35 17.74
N ALA B 186 -19.51 11.83 18.93
CA ALA B 186 -18.29 12.17 19.67
C ALA B 186 -17.61 10.92 20.22
N GLY B 187 -16.48 11.13 20.88
CA GLY B 187 -15.67 10.03 21.38
C GLY B 187 -14.41 9.90 20.55
N GLY B 188 -14.02 8.66 20.26
CA GLY B 188 -12.80 8.42 19.53
C GLY B 188 -11.60 8.83 20.35
N ASN B 189 -10.56 9.34 19.68
CA ASN B 189 -9.29 9.63 20.33
C ASN B 189 -8.34 10.30 19.34
N PRO B 190 -7.60 11.33 19.77
CA PRO B 190 -6.79 12.03 18.77
C PRO B 190 -5.62 11.17 18.23
N LEU B 191 -5.25 10.10 18.92
CA LEU B 191 -4.21 9.19 18.40
C LEU B 191 -4.57 8.68 16.99
N MET B 192 -5.86 8.53 16.72
CA MET B 192 -6.36 8.19 15.39
C MET B 192 -5.77 9.09 14.28
N THR B 193 -5.42 10.33 14.61
CA THR B 193 -4.86 11.26 13.61
C THR B 193 -3.37 11.03 13.38
N ARG B 194 -2.75 10.18 14.19
CA ARG B 194 -1.32 9.89 14.09
C ARG B 194 -1.05 8.54 13.39
N VAL B 195 -2.10 8.10 12.71
CA VAL B 195 -2.13 6.87 11.94
C VAL B 195 -2.73 7.27 10.61
N VAL B 196 -2.17 6.81 9.50
CA VAL B 196 -2.67 7.23 8.21
C VAL B 196 -3.85 6.34 7.80
N GLY B 197 -4.84 6.94 7.16
CA GLY B 197 -5.92 6.17 6.57
C GLY B 197 -7.21 6.09 7.35
N THR B 198 -7.20 6.47 8.62
CA THR B 198 -8.41 6.31 9.43
C THR B 198 -9.57 7.12 8.84
N GLY B 199 -9.28 8.29 8.28
CA GLY B 199 -10.29 9.07 7.61
C GLY B 199 -10.83 8.34 6.38
N CYS B 200 -9.91 7.98 5.51
CA CYS B 200 -10.25 7.40 4.22
C CYS B 200 -10.97 6.04 4.39
N ALA B 201 -10.63 5.34 5.48
CA ALA B 201 -11.25 4.08 5.84
C ALA B 201 -12.67 4.33 6.37
N LEU B 202 -12.81 5.37 7.20
CA LEU B 202 -14.17 5.78 7.60
C LEU B 202 -15.06 6.04 6.37
N SER B 203 -14.56 6.76 5.37
CA SER B 203 -15.35 6.94 4.15
C SER B 203 -15.79 5.61 3.51
N ALA B 204 -14.97 4.57 3.61
CA ALA B 204 -15.27 3.30 2.96
C ALA B 204 -16.45 2.66 3.67
N VAL B 205 -16.36 2.65 4.99
CA VAL B 205 -17.45 2.13 5.82
C VAL B 205 -18.76 2.91 5.67
N VAL B 206 -18.65 4.22 5.52
CA VAL B 206 -19.77 5.07 5.13
C VAL B 206 -20.36 4.63 3.78
N ALA B 207 -19.48 4.39 2.81
CA ALA B 207 -19.94 3.92 1.52
C ALA B 207 -20.69 2.60 1.67
N ALA B 208 -20.15 1.66 2.43
CA ALA B 208 -20.84 0.40 2.73
C ALA B 208 -22.21 0.65 3.36
N SER B 209 -22.22 1.55 4.32
CA SER B 209 -23.44 1.82 5.06
C SER B 209 -24.58 2.34 4.20
N ALA B 210 -24.27 3.20 3.21
CA ALA B 210 -25.30 3.69 2.31
C ALA B 210 -26.05 2.62 1.51
N ALA B 211 -25.57 1.39 1.54
CA ALA B 211 -26.14 0.31 0.73
C ALA B 211 -27.04 -0.57 1.58
N LEU B 212 -27.03 -0.33 2.89
CA LEU B 212 -27.83 -1.11 3.82
C LEU B 212 -29.27 -0.61 3.85
N PRO B 213 -30.20 -1.43 4.35
CA PRO B 213 -31.56 -0.91 4.50
C PRO B 213 -31.68 0.07 5.68
N GLY B 214 -32.66 0.96 5.59
CA GLY B 214 -32.97 1.89 6.67
C GLY B 214 -32.75 3.35 6.31
N ASP B 215 -32.72 4.19 7.32
CA ASP B 215 -32.54 5.62 7.15
C ASP B 215 -31.06 5.91 6.82
N ARG B 216 -30.84 6.47 5.64
CA ARG B 216 -29.51 6.75 5.13
C ARG B 216 -28.67 7.64 6.08
N LEU B 217 -29.26 8.76 6.48
CA LEU B 217 -28.61 9.72 7.36
C LEU B 217 -28.12 9.06 8.65
N GLU B 218 -29.04 8.37 9.33
CA GLU B 218 -28.74 7.65 10.57
C GLU B 218 -27.70 6.54 10.38
N ASN B 219 -27.65 5.95 9.18
CA ASN B 219 -26.67 4.88 8.96
C ASN B 219 -25.26 5.49 8.79
N VAL B 220 -25.16 6.59 8.05
CA VAL B 220 -23.90 7.32 7.94
C VAL B 220 -23.39 7.76 9.34
N ALA B 221 -24.26 8.40 10.12
CA ALA B 221 -23.90 8.76 11.49
C ALA B 221 -23.48 7.56 12.33
N ALA B 222 -24.22 6.46 12.18
CA ALA B 222 -23.86 5.24 12.90
C ALA B 222 -22.48 4.74 12.47
N ALA B 223 -22.15 4.90 11.21
CA ALA B 223 -20.81 4.51 10.72
C ALA B 223 -19.70 5.33 11.44
N CYS B 224 -19.91 6.65 11.47
CA CYS B 224 -18.97 7.51 12.22
C CYS B 224 -18.82 7.04 13.68
N GLY B 225 -19.93 6.67 14.31
CA GLY B 225 -19.82 6.17 15.67
C GLY B 225 -19.13 4.84 15.86
N LEU B 226 -19.38 3.91 14.94
CA LEU B 226 -18.69 2.62 14.98
C LEU B 226 -17.16 2.80 14.96
N MET B 227 -16.72 3.64 14.04
CA MET B 227 -15.28 3.87 13.94
C MET B 227 -14.75 4.62 15.18
N LYS B 228 -15.51 5.59 15.70
CA LYS B 228 -15.07 6.28 16.93
C LYS B 228 -14.92 5.34 18.12
N GLN B 229 -15.86 4.42 18.31
CA GLN B 229 -15.74 3.44 19.39
C GLN B 229 -14.58 2.48 19.22
N ALA B 230 -14.38 2.00 18.00
CA ALA B 230 -13.22 1.12 17.78
C ALA B 230 -11.91 1.85 18.10
N GLY B 231 -11.82 3.10 17.65
CA GLY B 231 -10.62 3.90 17.88
C GLY B 231 -10.35 4.21 19.34
N GLU B 232 -11.41 4.51 20.07
CA GLU B 232 -11.26 4.68 21.51
C GLU B 232 -10.66 3.43 22.10
N ILE B 233 -11.20 2.25 21.75
CA ILE B 233 -10.63 1.02 22.32
C ILE B 233 -9.17 0.77 21.89
N ALA B 234 -8.87 1.06 20.63
CA ALA B 234 -7.57 0.77 20.08
C ALA B 234 -6.52 1.72 20.64
N ALA B 235 -6.94 2.93 20.95
CA ALA B 235 -6.01 4.00 21.36
C ALA B 235 -5.42 3.80 22.75
N ARG B 236 -6.10 3.10 23.65
CA ARG B 236 -5.55 2.95 25.00
C ARG B 236 -4.38 1.94 25.04
N GLN B 237 -3.69 1.79 23.92
CA GLN B 237 -2.38 1.14 23.87
C GLN B 237 -1.31 2.22 23.99
N GLY B 238 -1.71 3.44 23.69
CA GLY B 238 -0.81 4.57 23.71
C GLY B 238 -0.22 4.85 22.33
N GLY B 239 0.26 3.80 21.66
CA GLY B 239 1.12 3.99 20.51
C GLY B 239 0.46 3.75 19.16
N PRO B 240 0.85 4.54 18.15
CA PRO B 240 0.22 4.44 16.83
C PRO B 240 0.53 3.11 16.12
N GLY B 241 1.60 2.45 16.53
CA GLY B 241 1.99 1.18 15.97
C GLY B 241 1.04 0.09 16.40
N SER B 242 0.73 0.05 17.69
CA SER B 242 -0.11 -1.00 18.23
C SER B 242 -1.57 -0.72 17.93
N PHE B 243 -1.89 0.54 17.68
CA PHE B 243 -3.25 0.97 17.35
C PHE B 243 -3.88 0.20 16.18
N ILE B 244 -3.11 0.00 15.13
CA ILE B 244 -3.67 -0.53 13.89
C ILE B 244 -4.24 -1.95 14.09
N PRO B 245 -3.41 -2.89 14.59
CA PRO B 245 -3.94 -4.25 14.80
C PRO B 245 -5.06 -4.32 15.86
N ALA B 246 -4.97 -3.49 16.90
CA ALA B 246 -6.03 -3.40 17.91
C ALA B 246 -7.32 -2.81 17.33
N PHE B 247 -7.19 -1.85 16.41
CA PHE B 247 -8.31 -1.23 15.75
C PHE B 247 -9.04 -2.27 14.93
N LEU B 248 -8.29 -3.01 14.12
CA LEU B 248 -8.92 -4.04 13.28
C LEU B 248 -9.60 -5.10 14.18
N ASP B 249 -8.89 -5.57 15.20
CA ASP B 249 -9.46 -6.52 16.15
C ASP B 249 -10.76 -6.00 16.73
N ALA B 250 -10.77 -4.74 17.14
CA ALA B 250 -11.95 -4.19 17.80
C ALA B 250 -13.12 -4.19 16.85
N LEU B 251 -12.87 -3.83 15.60
CA LEU B 251 -13.93 -3.85 14.60
C LEU B 251 -14.47 -5.25 14.34
N TYR B 252 -13.60 -6.24 14.37
CA TYR B 252 -14.00 -7.64 14.21
C TYR B 252 -14.78 -8.20 15.40
N GLN B 253 -14.51 -7.68 16.59
CA GLN B 253 -15.02 -8.26 17.82
C GLN B 253 -16.54 -8.31 17.85
N GLU B 254 -17.08 -9.50 18.17
CA GLU B 254 -18.52 -9.67 18.37
C GLU B 254 -18.80 -9.68 19.88
N PRO C 9 21.82 14.58 20.72
CA PRO C 9 21.61 14.94 19.31
C PRO C 9 20.46 14.14 18.71
N VAL C 10 20.37 12.84 19.03
CA VAL C 10 19.17 12.07 18.68
C VAL C 10 17.95 12.61 19.43
N ALA C 11 18.02 12.71 20.76
CA ALA C 11 16.90 13.32 21.49
C ALA C 11 16.61 14.74 21.02
N HIS C 12 17.63 15.47 20.60
CA HIS C 12 17.37 16.83 20.14
C HIS C 12 16.62 16.79 18.79
N LEU C 13 17.06 15.94 17.88
CA LEU C 13 16.33 15.79 16.62
C LEU C 13 14.88 15.35 16.92
N ARG C 14 14.70 14.40 17.84
CA ARG C 14 13.35 13.97 18.23
C ARG C 14 12.51 15.18 18.59
N HIS C 15 13.04 16.03 19.47
CA HIS C 15 12.32 17.22 19.89
C HIS C 15 11.98 18.18 18.75
N LEU C 16 12.97 18.44 17.88
CA LEU C 16 12.78 19.34 16.75
C LEU C 16 11.74 18.87 15.73
N LEU C 17 11.73 17.57 15.41
CA LEU C 17 10.72 17.02 14.49
C LEU C 17 9.32 17.30 15.04
N ARG C 18 9.13 17.11 16.34
CA ARG C 18 7.83 17.34 16.98
C ARG C 18 7.45 18.78 16.98
N ALA C 19 8.41 19.64 17.32
CA ALA C 19 8.11 21.06 17.43
C ALA C 19 7.90 21.73 16.07
N HIS C 20 8.60 21.28 15.05
CA HIS C 20 8.42 21.85 13.70
C HIS C 20 7.35 21.19 12.85
N SER C 21 7.02 19.94 13.15
CA SER C 21 6.08 19.15 12.34
C SER C 21 6.23 19.39 10.83
N PRO C 22 7.45 19.16 10.29
CA PRO C 22 7.69 19.40 8.87
C PRO C 22 6.69 18.71 7.95
N LEU C 23 6.26 19.44 6.95
CA LEU C 23 5.35 18.95 5.94
C LEU C 23 6.21 18.40 4.84
N VAL C 24 6.15 17.08 4.64
CA VAL C 24 7.08 16.42 3.75
C VAL C 24 6.35 15.84 2.57
N HIS C 25 6.71 16.30 1.38
CA HIS C 25 6.11 15.86 0.13
C HIS C 25 6.82 14.56 -0.26
N CYS C 26 6.12 13.44 -0.11
CA CYS C 26 6.74 12.14 -0.39
C CYS C 26 6.38 11.63 -1.77
N MET C 27 7.37 11.55 -2.66
CA MET C 27 7.16 10.92 -3.95
C MET C 27 8.00 9.63 -3.90
N THR C 28 7.37 8.58 -3.34
CA THR C 28 8.04 7.32 -3.04
C THR C 28 7.40 6.12 -3.76
N ASN C 29 8.06 4.96 -3.68
CA ASN C 29 7.62 3.81 -4.44
C ASN C 29 6.40 3.14 -3.81
N ASP C 30 5.74 2.31 -4.61
CA ASP C 30 4.42 1.81 -4.24
C ASP C 30 4.45 0.93 -3.00
N VAL C 31 5.57 0.28 -2.75
CA VAL C 31 5.65 -0.75 -1.72
C VAL C 31 5.78 -0.18 -0.28
N VAL C 32 6.33 1.02 -0.17
CA VAL C 32 6.67 1.61 1.13
C VAL C 32 5.88 2.83 1.46
N GLN C 33 4.86 3.16 0.67
CA GLN C 33 4.16 4.43 0.90
C GLN C 33 3.41 4.54 2.26
N THR C 34 2.74 3.47 2.63
CA THR C 34 1.98 3.50 3.86
C THR C 34 2.92 3.58 5.07
N PHE C 35 3.94 2.74 5.04
CA PHE C 35 4.91 2.70 6.11
C PHE C 35 5.64 4.05 6.25
N THR C 36 5.96 4.68 5.12
CA THR C 36 6.65 5.96 5.12
C THR C 36 5.76 7.01 5.77
N ALA C 37 4.50 7.05 5.35
CA ALA C 37 3.56 7.99 5.97
C ALA C 37 3.40 7.76 7.48
N ASN C 38 3.22 6.51 7.90
CA ASN C 38 3.11 6.20 9.32
C ASN C 38 4.38 6.47 10.18
N VAL C 39 5.57 6.26 9.63
CA VAL C 39 6.82 6.69 10.29
C VAL C 39 6.87 8.22 10.47
N LEU C 40 6.58 8.95 9.42
CA LEU C 40 6.60 10.41 9.54
C LEU C 40 5.57 10.89 10.56
N LEU C 41 4.34 10.36 10.51
CA LEU C 41 3.33 10.70 11.55
C LEU C 41 3.84 10.36 12.94
N ALA C 42 4.46 9.19 13.10
CA ALA C 42 4.92 8.77 14.42
C ALA C 42 5.99 9.69 15.01
N VAL C 43 6.88 10.24 14.16
CA VAL C 43 7.88 11.19 14.68
C VAL C 43 7.38 12.61 14.81
N GLY C 44 6.11 12.83 14.44
CA GLY C 44 5.46 14.13 14.62
C GLY C 44 5.46 15.03 13.41
N ALA C 45 5.89 14.48 12.28
CA ALA C 45 5.88 15.19 11.01
C ALA C 45 4.55 14.97 10.30
N SER C 46 4.45 15.54 9.11
CA SER C 46 3.24 15.54 8.30
C SER C 46 3.52 15.10 6.85
N PRO C 47 3.18 13.87 6.52
CA PRO C 47 3.40 13.34 5.17
C PRO C 47 2.32 13.77 4.21
N ALA C 48 2.68 14.03 2.97
CA ALA C 48 1.69 14.24 1.96
C ALA C 48 2.19 13.56 0.70
N MET C 49 1.30 12.86 0.04
CA MET C 49 1.68 12.17 -1.19
C MET C 49 0.88 12.80 -2.31
N VAL C 50 1.59 13.43 -3.23
CA VAL C 50 0.97 14.12 -4.35
C VAL C 50 1.74 13.76 -5.61
N ILE C 51 1.04 13.23 -6.61
CA ILE C 51 1.72 12.63 -7.77
C ILE C 51 1.29 13.13 -9.17
N ASP C 52 0.16 13.80 -9.28
CA ASP C 52 -0.22 14.44 -10.54
C ASP C 52 0.83 15.52 -10.84
N PRO C 53 1.27 15.65 -12.11
CA PRO C 53 2.41 16.56 -12.39
C PRO C 53 2.13 18.01 -11.98
N ARG C 54 0.89 18.42 -12.13
CA ARG C 54 0.50 19.78 -11.83
C ARG C 54 0.29 19.98 -10.34
N GLU C 55 -0.37 19.02 -9.71
CA GLU C 55 -0.55 19.08 -8.27
C GLU C 55 0.82 19.03 -7.58
N ALA C 56 1.73 18.24 -8.14
CA ALA C 56 3.03 18.04 -7.49
C ALA C 56 3.87 19.29 -7.64
N ALA C 57 3.86 19.89 -8.85
CA ALA C 57 4.44 21.21 -9.00
C ALA C 57 3.88 22.21 -7.97
N GLN C 58 2.56 22.30 -7.85
CA GLN C 58 2.00 23.24 -6.87
C GLN C 58 2.42 22.91 -5.43
N PHE C 59 2.41 21.63 -5.10
CA PHE C 59 2.59 21.25 -3.72
C PHE C 59 4.05 21.33 -3.29
N ALA C 60 4.96 21.05 -4.21
CA ALA C 60 6.39 21.05 -3.89
C ALA C 60 6.90 22.42 -3.45
N ALA C 61 6.21 23.47 -3.87
CA ALA C 61 6.62 24.82 -3.53
C ALA C 61 6.14 25.17 -2.16
N ILE C 62 5.12 24.45 -1.69
CA ILE C 62 4.48 24.72 -0.42
C ILE C 62 5.10 23.91 0.73
N ALA C 63 5.51 22.67 0.42
CA ALA C 63 5.97 21.74 1.45
C ALA C 63 7.31 22.20 2.00
N ASP C 64 7.61 21.80 3.24
CA ASP C 64 8.92 22.08 3.87
C ASP C 64 10.10 21.26 3.30
N ALA C 65 9.83 20.11 2.72
CA ALA C 65 10.89 19.23 2.22
C ALA C 65 10.29 18.27 1.21
N LEU C 66 11.12 17.82 0.30
CA LEU C 66 10.66 16.90 -0.73
C LEU C 66 11.52 15.66 -0.77
N LEU C 67 10.86 14.50 -0.80
CA LEU C 67 11.56 13.22 -0.96
C LEU C 67 11.27 12.63 -2.33
N ILE C 68 12.33 12.26 -3.04
CA ILE C 68 12.22 11.56 -4.33
C ILE C 68 12.87 10.18 -4.18
N ASN C 69 12.03 9.15 -4.22
CA ASN C 69 12.48 7.77 -4.16
C ASN C 69 12.06 7.05 -5.44
N VAL C 70 13.03 6.51 -6.17
CA VAL C 70 12.77 6.02 -7.52
C VAL C 70 12.49 4.50 -7.60
N GLY C 71 12.00 3.91 -6.51
CA GLY C 71 11.89 2.46 -6.39
C GLY C 71 10.99 1.71 -7.36
N THR C 72 9.89 2.32 -7.75
CA THR C 72 8.98 1.73 -8.74
C THR C 72 8.75 2.76 -9.84
N LEU C 73 9.84 3.28 -10.37
CA LEU C 73 9.76 4.36 -11.36
C LEU C 73 8.90 3.99 -12.57
N THR C 74 8.11 4.96 -13.05
CA THR C 74 7.47 4.91 -14.38
C THR C 74 7.68 6.26 -15.07
N GLU C 75 7.47 6.33 -16.38
CA GLU C 75 7.76 7.55 -17.13
C GLU C 75 6.86 8.70 -16.68
N ASP C 76 5.58 8.40 -16.50
CA ASP C 76 4.64 9.39 -15.99
C ASP C 76 5.11 9.95 -14.67
N ARG C 77 5.53 9.07 -13.77
CA ARG C 77 5.90 9.49 -12.45
C ARG C 77 7.17 10.33 -12.53
N ALA C 78 8.06 9.93 -13.44
CA ALA C 78 9.30 10.65 -13.68
C ALA C 78 9.06 12.09 -14.09
N VAL C 79 8.14 12.32 -15.03
CA VAL C 79 7.89 13.74 -15.36
C VAL C 79 7.31 14.50 -14.13
N ALA C 80 6.43 13.86 -13.32
CA ALA C 80 5.89 14.51 -12.13
C ALA C 80 6.99 14.80 -11.10
N MET C 81 7.93 13.88 -10.98
CA MET C 81 9.07 14.05 -10.06
C MET C 81 9.99 15.19 -10.54
N ARG C 82 10.30 15.23 -11.83
CA ARG C 82 11.07 16.33 -12.41
C ARG C 82 10.47 17.70 -12.09
N ALA C 83 9.17 17.81 -12.34
CA ALA C 83 8.44 19.05 -12.04
C ALA C 83 8.44 19.42 -10.54
N ALA C 84 8.25 18.42 -9.67
CA ALA C 84 8.33 18.65 -8.22
C ALA C 84 9.72 19.20 -7.79
N VAL C 85 10.79 18.54 -8.24
CA VAL C 85 12.13 18.98 -7.91
C VAL C 85 12.35 20.42 -8.42
N GLU C 86 11.96 20.71 -9.66
CA GLU C 86 12.17 22.07 -10.16
C GLU C 86 11.40 23.11 -9.36
N HIS C 87 10.17 22.83 -8.93
CA HIS C 87 9.45 23.82 -8.14
C HIS C 87 9.94 23.95 -6.69
N ALA C 88 10.38 22.85 -6.09
CA ALA C 88 11.02 22.92 -4.78
C ALA C 88 12.28 23.79 -4.84
N ARG C 89 13.13 23.55 -5.84
CA ARG C 89 14.37 24.31 -5.94
C ARG C 89 14.10 25.82 -5.98
N GLN C 90 13.13 26.24 -6.78
CA GLN C 90 12.91 27.66 -6.95
C GLN C 90 12.23 28.24 -5.73
N ALA C 91 11.51 27.41 -4.97
CA ALA C 91 10.94 27.85 -3.70
C ALA C 91 11.93 27.81 -2.54
N GLY C 92 13.16 27.32 -2.77
CA GLY C 92 14.16 27.19 -1.72
C GLY C 92 13.85 26.10 -0.70
N LYS C 93 13.19 25.03 -1.17
CA LYS C 93 12.84 23.89 -0.31
C LYS C 93 13.84 22.78 -0.56
N PRO C 94 14.39 22.18 0.51
CA PRO C 94 15.38 21.13 0.30
C PRO C 94 14.74 19.80 -0.16
N TRP C 95 15.34 19.18 -1.16
CA TRP C 95 14.86 17.88 -1.58
C TRP C 95 15.94 16.80 -1.40
N THR C 96 15.47 15.58 -1.14
CA THR C 96 16.30 14.43 -0.84
C THR C 96 16.10 13.37 -1.92
N LEU C 97 17.21 12.79 -2.38
CA LEU C 97 17.20 11.70 -3.36
C LEU C 97 17.50 10.36 -2.71
N ASP C 98 16.65 9.38 -3.01
CA ASP C 98 16.87 7.99 -2.62
C ASP C 98 16.93 7.14 -3.93
N PRO C 99 18.14 6.86 -4.39
CA PRO C 99 18.29 6.24 -5.71
C PRO C 99 18.17 4.72 -5.71
N VAL C 100 16.98 4.18 -5.45
CA VAL C 100 16.84 2.73 -5.23
C VAL C 100 17.22 1.92 -6.47
N ALA C 101 18.17 0.98 -6.29
CA ALA C 101 18.62 0.07 -7.35
C ALA C 101 19.24 0.79 -8.51
N VAL C 102 19.68 2.02 -8.30
CA VAL C 102 20.53 2.67 -9.29
C VAL C 102 21.77 1.73 -9.45
N GLY C 103 22.27 1.60 -10.68
CA GLY C 103 23.37 0.72 -11.00
C GLY C 103 22.72 -0.50 -11.62
N ALA C 104 21.82 -1.14 -10.87
CA ALA C 104 21.04 -2.29 -11.34
C ALA C 104 20.19 -2.07 -12.62
N LEU C 105 19.54 -0.92 -12.77
CA LEU C 105 18.49 -0.76 -13.80
C LEU C 105 18.67 0.51 -14.63
N THR C 106 18.76 0.35 -15.94
CA THR C 106 19.23 1.43 -16.81
C THR C 106 18.41 2.73 -16.74
N VAL C 107 17.10 2.60 -16.90
CA VAL C 107 16.27 3.79 -17.03
C VAL C 107 16.38 4.65 -15.77
N ARG C 108 16.38 3.93 -14.66
CA ARG C 108 16.46 4.52 -13.33
C ARG C 108 17.72 5.31 -13.14
N THR C 109 18.82 4.66 -13.52
CA THR C 109 20.14 5.28 -13.38
C THR C 109 20.26 6.56 -14.19
N ALA C 110 19.73 6.52 -15.40
CA ALA C 110 19.79 7.68 -16.28
C ALA C 110 19.00 8.85 -15.65
N PHE C 111 17.77 8.54 -15.21
CA PHE C 111 16.95 9.53 -14.54
C PHE C 111 17.62 10.16 -13.31
N CYS C 112 18.23 9.33 -12.46
CA CYS C 112 18.89 9.86 -11.26
C CYS C 112 20.09 10.73 -11.63
N HIS C 113 20.85 10.28 -12.64
CA HIS C 113 21.98 11.09 -13.07
C HIS C 113 21.53 12.46 -13.53
N GLU C 114 20.48 12.52 -14.32
CA GLU C 114 19.80 13.78 -14.64
C GLU C 114 19.32 14.61 -13.41
N LEU C 115 18.76 13.96 -12.38
CA LEU C 115 18.36 14.74 -11.21
C LEU C 115 19.53 15.28 -10.38
N LEU C 116 20.69 14.62 -10.38
CA LEU C 116 21.83 15.20 -9.63
C LEU C 116 22.14 16.65 -10.02
N ALA C 117 21.94 16.98 -11.28
CA ALA C 117 22.18 18.33 -11.77
C ALA C 117 21.39 19.36 -10.96
N LEU C 118 20.34 18.94 -10.26
CA LEU C 118 19.44 19.88 -9.60
C LEU C 118 19.65 19.97 -8.08
N GLN C 119 20.85 19.62 -7.62
CA GLN C 119 21.31 19.98 -6.27
C GLN C 119 20.47 19.51 -5.08
N PRO C 120 20.43 18.19 -4.87
CA PRO C 120 19.75 17.70 -3.68
C PRO C 120 20.46 18.12 -2.40
N ALA C 121 19.69 18.42 -1.36
CA ALA C 121 20.24 18.66 -0.03
C ALA C 121 20.90 17.41 0.51
N ALA C 122 20.33 16.25 0.22
CA ALA C 122 20.82 15.01 0.81
C ALA C 122 20.59 13.85 -0.17
N ILE C 123 21.47 12.85 -0.15
CA ILE C 123 21.31 11.59 -0.88
C ILE C 123 21.46 10.43 0.10
N ARG C 124 20.52 9.48 0.06
CA ARG C 124 20.50 8.36 0.98
C ARG C 124 20.43 7.07 0.17
N GLY C 125 21.46 6.25 0.28
CA GLY C 125 21.49 5.03 -0.51
C GLY C 125 22.41 3.99 0.05
N ASN C 126 22.33 2.77 -0.47
CA ASN C 126 23.28 1.74 -0.05
C ASN C 126 24.59 1.88 -0.80
N ALA C 127 25.57 1.09 -0.38
CA ALA C 127 26.90 1.15 -1.00
C ALA C 127 26.85 1.05 -2.52
N SER C 128 26.15 0.04 -3.02
CA SER C 128 26.10 -0.19 -4.46
C SER C 128 25.50 1.01 -5.18
N GLU C 129 24.42 1.52 -4.59
CA GLU C 129 23.72 2.62 -5.18
C GLU C 129 24.61 3.86 -5.24
N ILE C 130 25.31 4.18 -4.16
CA ILE C 130 26.12 5.39 -4.16
C ILE C 130 27.31 5.20 -5.08
N LEU C 131 27.92 4.03 -5.06
CA LEU C 131 28.99 3.75 -6.04
C LEU C 131 28.54 4.02 -7.48
N ALA C 132 27.33 3.55 -7.83
CA ALA C 132 26.81 3.75 -9.17
C ALA C 132 26.50 5.21 -9.48
N LEU C 133 25.90 5.91 -8.52
CA LEU C 133 25.55 7.32 -8.70
C LEU C 133 26.75 8.22 -8.95
N ALA C 134 27.90 7.81 -8.44
CA ALA C 134 29.09 8.65 -8.42
C ALA C 134 30.00 8.42 -9.63
N GLY C 135 29.68 7.43 -10.46
CA GLY C 135 30.39 7.20 -11.70
C GLY C 135 31.54 6.21 -11.56
N ALA C 149 29.49 0.38 2.26
CA ALA C 149 30.82 -0.20 2.21
C ALA C 149 31.83 0.87 2.60
N ALA C 150 32.98 0.42 3.09
CA ALA C 150 34.17 1.24 3.07
C ALA C 150 34.47 1.59 1.62
N ALA C 151 34.10 0.69 0.71
CA ALA C 151 34.33 0.91 -0.71
C ALA C 151 33.61 2.17 -1.21
N ALA C 152 32.43 2.42 -0.65
CA ALA C 152 31.58 3.54 -1.05
C ALA C 152 31.95 4.87 -0.40
N LEU C 153 32.78 4.82 0.64
CA LEU C 153 33.18 6.04 1.37
C LEU C 153 33.92 7.07 0.51
N PRO C 154 34.98 6.65 -0.18
CA PRO C 154 35.60 7.59 -1.13
C PRO C 154 34.60 8.19 -2.13
N ALA C 155 33.77 7.35 -2.72
CA ALA C 155 32.81 7.80 -3.72
C ALA C 155 31.82 8.82 -3.11
N ALA C 156 31.35 8.52 -1.90
CA ALA C 156 30.39 9.38 -1.18
C ALA C 156 30.97 10.74 -0.89
N GLN C 157 32.21 10.73 -0.41
CA GLN C 157 32.93 11.97 -0.15
C GLN C 157 33.08 12.79 -1.42
N ALA C 158 33.42 12.14 -2.53
CA ALA C 158 33.56 12.88 -3.80
C ALA C 158 32.22 13.40 -4.36
N LEU C 159 31.15 12.63 -4.13
CA LEU C 159 29.82 13.06 -4.55
C LEU C 159 29.37 14.29 -3.74
N ALA C 160 29.59 14.20 -2.42
CA ALA C 160 29.25 15.27 -1.52
C ALA C 160 30.00 16.54 -1.86
N ARG C 161 31.31 16.41 -2.08
CA ARG C 161 32.12 17.54 -2.52
C ARG C 161 31.55 18.14 -3.79
N ARG C 162 31.51 17.33 -4.85
CA ARG C 162 31.06 17.80 -6.16
C ARG C 162 29.73 18.58 -6.14
N LEU C 163 28.72 18.07 -5.42
CA LEU C 163 27.39 18.72 -5.43
C LEU C 163 27.08 19.62 -4.23
N ALA C 164 28.02 19.75 -3.31
CA ALA C 164 27.76 20.28 -1.96
C ALA C 164 26.44 19.73 -1.40
N THR C 165 26.44 18.41 -1.14
CA THR C 165 25.29 17.73 -0.58
C THR C 165 25.81 16.91 0.59
N VAL C 166 24.88 16.36 1.38
CA VAL C 166 25.23 15.38 2.38
C VAL C 166 24.88 14.02 1.81
N VAL C 167 25.83 13.10 1.89
CA VAL C 167 25.65 11.74 1.41
C VAL C 167 25.64 10.79 2.57
N ALA C 168 24.61 9.96 2.62
CA ALA C 168 24.52 8.94 3.63
C ALA C 168 24.50 7.57 2.95
N VAL C 169 25.51 6.78 3.28
CA VAL C 169 25.64 5.41 2.82
C VAL C 169 25.18 4.55 3.96
N THR C 170 24.07 3.86 3.77
CA THR C 170 23.47 3.18 4.90
C THR C 170 23.72 1.67 4.84
N GLY C 171 23.80 1.05 6.02
CA GLY C 171 24.14 -0.36 6.16
C GLY C 171 24.07 -0.76 7.63
N GLU C 172 24.74 -1.86 8.01
CA GLU C 172 24.82 -2.25 9.41
C GLU C 172 25.35 -1.08 10.21
N VAL C 173 26.30 -0.37 9.62
CA VAL C 173 26.74 0.94 10.11
C VAL C 173 26.47 1.91 9.04
N ASP C 174 25.88 3.04 9.42
CA ASP C 174 25.65 4.14 8.50
C ASP C 174 26.85 5.08 8.50
N TYR C 175 27.19 5.60 7.32
CA TYR C 175 28.22 6.64 7.16
C TYR C 175 27.64 7.86 6.50
N VAL C 176 27.94 9.00 7.10
CA VAL C 176 27.39 10.25 6.62
C VAL C 176 28.52 11.24 6.35
N THR C 177 28.49 11.88 5.19
CA THR C 177 29.56 12.81 4.86
C THR C 177 29.09 14.07 4.13
N ASP C 178 29.78 15.18 4.42
CA ASP C 178 29.61 16.43 3.71
C ASP C 178 30.77 16.66 2.75
N GLY C 179 31.65 15.67 2.62
CA GLY C 179 32.77 15.75 1.72
C GLY C 179 34.08 16.04 2.47
N GLU C 180 33.98 16.56 3.68
CA GLU C 180 35.17 16.84 4.48
C GLU C 180 35.21 15.89 5.68
N ARG C 181 34.16 15.92 6.49
CA ARG C 181 34.09 15.10 7.70
C ARG C 181 33.19 13.89 7.43
N VAL C 182 33.33 12.85 8.24
CA VAL C 182 32.60 11.60 8.04
C VAL C 182 32.18 11.05 9.39
N LEU C 183 30.88 10.83 9.55
CA LEU C 183 30.38 10.31 10.82
C LEU C 183 29.87 8.89 10.64
N SER C 184 30.14 8.04 11.63
CA SER C 184 29.67 6.68 11.62
C SER C 184 28.55 6.54 12.64
N VAL C 185 27.55 5.73 12.31
CA VAL C 185 26.45 5.47 13.24
C VAL C 185 26.18 4.00 13.29
N ALA C 186 26.36 3.42 14.48
CA ALA C 186 26.19 1.98 14.65
C ALA C 186 25.00 1.74 15.52
N GLY C 187 24.63 0.48 15.64
CA GLY C 187 23.49 0.10 16.47
C GLY C 187 22.46 -0.62 15.63
N GLY C 188 21.21 -0.51 16.04
CA GLY C 188 20.11 -1.12 15.30
C GLY C 188 20.05 -2.62 15.53
N ASN C 189 19.54 -3.32 14.53
CA ASN C 189 19.40 -4.78 14.58
C ASN C 189 19.23 -5.33 13.15
N PRO C 190 19.89 -6.45 12.83
CA PRO C 190 19.83 -7.03 11.47
C PRO C 190 18.40 -7.34 11.00
N LEU C 191 17.50 -7.58 11.96
CA LEU C 191 16.11 -7.84 11.68
C LEU C 191 15.52 -6.69 10.85
N MET C 192 16.10 -5.50 10.88
CA MET C 192 15.53 -4.35 10.18
C MET C 192 15.55 -4.61 8.67
N THR C 193 16.46 -5.47 8.23
CA THR C 193 16.59 -5.80 6.83
C THR C 193 15.56 -6.88 6.41
N ARG C 194 14.85 -7.45 7.36
CA ARG C 194 13.86 -8.50 7.06
C ARG C 194 12.45 -7.92 6.99
N VAL C 195 12.40 -6.61 6.93
CA VAL C 195 11.18 -5.83 6.93
C VAL C 195 11.31 -4.84 5.82
N VAL C 196 10.30 -4.69 4.96
CA VAL C 196 10.49 -3.84 3.77
C VAL C 196 10.33 -2.38 4.18
N GLY C 197 11.07 -1.51 3.52
CA GLY C 197 10.80 -0.08 3.66
C GLY C 197 11.45 0.58 4.84
N THR C 198 12.21 -0.15 5.66
CA THR C 198 12.97 0.50 6.74
C THR C 198 14.01 1.53 6.16
N GLY C 199 14.63 1.22 5.02
CA GLY C 199 15.54 2.16 4.40
C GLY C 199 14.82 3.34 3.75
N CYS C 200 13.72 3.00 3.08
CA CYS C 200 12.91 4.01 2.42
C CYS C 200 12.35 4.98 3.45
N ALA C 201 12.01 4.46 4.62
CA ALA C 201 11.46 5.30 5.69
C ALA C 201 12.54 6.19 6.28
N LEU C 202 13.73 5.61 6.44
CA LEU C 202 14.88 6.42 6.88
C LEU C 202 15.08 7.61 5.94
N SER C 203 14.99 7.40 4.63
CA SER C 203 15.15 8.53 3.70
C SER C 203 14.11 9.64 3.96
N ALA C 204 12.90 9.27 4.31
CA ALA C 204 11.84 10.26 4.56
C ALA C 204 12.17 11.09 5.80
N VAL C 205 12.67 10.42 6.85
CA VAL C 205 13.09 11.13 8.07
C VAL C 205 14.36 12.00 7.85
N VAL C 206 15.29 11.50 7.04
CA VAL C 206 16.38 12.34 6.53
C VAL C 206 15.85 13.58 5.76
N ALA C 207 14.87 13.40 4.88
CA ALA C 207 14.27 14.52 4.15
C ALA C 207 13.65 15.53 5.08
N ALA C 208 12.93 15.05 6.11
CA ALA C 208 12.34 15.96 7.08
C ALA C 208 13.41 16.72 7.86
N SER C 209 14.49 16.03 8.18
CA SER C 209 15.51 16.63 9.01
C SER C 209 16.25 17.77 8.27
N ALA C 210 16.29 17.74 6.94
CA ALA C 210 16.91 18.85 6.20
C ALA C 210 16.07 20.14 6.23
N ALA C 211 14.83 20.04 6.72
CA ALA C 211 14.00 21.22 6.88
C ALA C 211 14.23 21.85 8.25
N LEU C 212 15.00 21.20 9.11
CA LEU C 212 15.22 21.67 10.47
C LEU C 212 16.47 22.52 10.61
N PRO C 213 16.50 23.38 11.64
CA PRO C 213 17.72 24.15 11.85
C PRO C 213 18.84 23.27 12.38
N GLY C 214 20.07 23.72 12.16
CA GLY C 214 21.21 23.04 12.73
C GLY C 214 22.17 22.70 11.61
N ASP C 215 23.24 21.99 11.95
CA ASP C 215 24.16 21.49 10.95
C ASP C 215 23.54 20.30 10.17
N ARG C 216 23.58 20.36 8.85
CA ARG C 216 22.84 19.39 8.03
C ARG C 216 23.45 17.99 8.15
N LEU C 217 24.78 17.91 8.15
CA LEU C 217 25.49 16.67 8.36
C LEU C 217 25.10 16.06 9.71
N GLU C 218 25.20 16.83 10.78
CA GLU C 218 24.82 16.33 12.11
C GLU C 218 23.34 15.92 12.22
N ASN C 219 22.44 16.66 11.59
CA ASN C 219 21.01 16.33 11.64
C ASN C 219 20.74 15.00 10.90
N VAL C 220 21.44 14.79 9.80
CA VAL C 220 21.29 13.56 9.03
C VAL C 220 21.82 12.34 9.81
N ALA C 221 22.98 12.52 10.43
CA ALA C 221 23.51 11.47 11.30
C ALA C 221 22.56 11.15 12.48
N ALA C 222 21.98 12.19 13.10
CA ALA C 222 20.99 12.01 14.14
C ALA C 222 19.75 11.24 13.63
N ALA C 223 19.28 11.55 12.43
CA ALA C 223 18.19 10.78 11.83
C ALA C 223 18.54 9.28 11.71
N CYS C 224 19.73 8.98 11.22
CA CYS C 224 20.18 7.57 11.24
C CYS C 224 20.12 6.94 12.64
N GLY C 225 20.66 7.65 13.64
CA GLY C 225 20.59 7.16 15.01
C GLY C 225 19.17 6.97 15.55
N LEU C 226 18.29 7.92 15.24
CA LEU C 226 16.90 7.81 15.68
C LEU C 226 16.27 6.50 15.15
N MET C 227 16.48 6.21 13.86
CA MET C 227 15.88 5.00 13.27
C MET C 227 16.57 3.73 13.80
N LYS C 228 17.88 3.76 14.01
CA LYS C 228 18.53 2.60 14.62
C LYS C 228 18.10 2.34 16.06
N GLN C 229 18.02 3.37 16.88
CA GLN C 229 17.54 3.27 18.26
C GLN C 229 16.12 2.68 18.34
N ALA C 230 15.25 3.21 17.49
CA ALA C 230 13.91 2.63 17.38
C ALA C 230 14.00 1.14 17.03
N GLY C 231 14.88 0.83 16.06
CA GLY C 231 14.97 -0.53 15.54
C GLY C 231 15.49 -1.50 16.59
N GLU C 232 16.48 -1.06 17.36
CA GLU C 232 16.99 -1.89 18.44
C GLU C 232 15.89 -2.20 19.42
N ILE C 233 15.12 -1.20 19.83
CA ILE C 233 13.95 -1.48 20.70
C ILE C 233 12.92 -2.43 20.07
N ALA C 234 12.58 -2.21 18.81
CA ALA C 234 11.54 -3.04 18.19
C ALA C 234 11.98 -4.47 17.89
N ALA C 235 13.27 -4.73 17.70
CA ALA C 235 13.69 -6.09 17.33
C ALA C 235 13.77 -7.02 18.52
N ARG C 236 13.53 -6.49 19.71
CA ARG C 236 13.69 -7.27 20.92
C ARG C 236 12.62 -8.39 20.97
N GLN C 237 11.39 -8.06 20.56
CA GLN C 237 10.31 -9.05 20.42
C GLN C 237 10.75 -10.27 19.60
N GLY C 238 11.67 -10.07 18.66
CA GLY C 238 12.27 -11.17 17.91
C GLY C 238 11.79 -11.41 16.48
N GLY C 239 10.58 -11.02 16.13
CA GLY C 239 10.03 -11.33 14.81
C GLY C 239 9.67 -10.13 13.95
N PRO C 240 9.74 -10.29 12.60
CA PRO C 240 9.53 -9.15 11.73
C PRO C 240 8.08 -8.68 11.63
N GLY C 241 7.11 -9.49 12.06
CA GLY C 241 5.74 -9.06 12.07
C GLY C 241 5.51 -8.13 13.25
N SER C 242 6.00 -8.54 14.41
CA SER C 242 5.81 -7.75 15.64
C SER C 242 6.73 -6.53 15.66
N PHE C 243 7.80 -6.57 14.87
CA PHE C 243 8.70 -5.43 14.70
C PHE C 243 7.98 -4.15 14.28
N ILE C 244 7.07 -4.22 13.32
CA ILE C 244 6.49 -3.02 12.74
C ILE C 244 5.65 -2.15 13.71
N PRO C 245 4.61 -2.73 14.36
CA PRO C 245 3.92 -1.97 15.42
C PRO C 245 4.86 -1.44 16.52
N ALA C 246 5.84 -2.24 16.91
CA ALA C 246 6.74 -1.85 17.99
C ALA C 246 7.69 -0.74 17.54
N PHE C 247 8.05 -0.72 16.25
CA PHE C 247 8.92 0.29 15.68
C PHE C 247 8.25 1.63 15.70
N LEU C 248 7.03 1.61 15.18
CA LEU C 248 6.23 2.81 15.15
C LEU C 248 5.97 3.28 16.56
N ASP C 249 5.68 2.35 17.48
CA ASP C 249 5.46 2.76 18.87
C ASP C 249 6.73 3.40 19.47
N ALA C 250 7.89 2.83 19.16
CA ALA C 250 9.16 3.34 19.67
C ALA C 250 9.45 4.74 19.16
N LEU C 251 9.11 5.02 17.90
CA LEU C 251 9.30 6.36 17.38
C LEU C 251 8.39 7.46 18.00
N TYR C 252 7.21 7.08 18.47
CA TYR C 252 6.23 8.06 18.97
C TYR C 252 6.49 8.51 20.42
#